data_9BGI
#
_entry.id   9BGI
#
_cell.length_a   1.00
_cell.length_b   1.00
_cell.length_c   1.00
_cell.angle_alpha   90.00
_cell.angle_beta   90.00
_cell.angle_gamma   90.00
#
_symmetry.space_group_name_H-M   'P 1'
#
loop_
_entity.id
_entity.type
_entity.pdbx_description
1 polymer 'SgraIR restriction enzyme'
2 polymer '40-1 DNA'
3 polymer '40-1 DNA'
4 non-polymer 'MAGNESIUM ION'
5 water water
#
loop_
_entity_poly.entity_id
_entity_poly.type
_entity_poly.pdbx_seq_one_letter_code
_entity_poly.pdbx_strand_id
1 'polypeptide(L)'
;MPFTYSIEATRNLATTERCIQDIRNAPVRNRSTQFQLAQQNMLAYTFGEVIPGFASAGINGMDYRDVIGRPVENAVTEGT
HFFRDDFRVDSNAKAKVAGDIFEIVSSAVMWNCAARWNSLMVGEGWRSQPRYSRPTLSPSPRRQVAVLNLPRSFDWVSLL
VPESQEVIEEFRAGLRKDGLGLPTSTPDLAVVVLPEEFQNDEMWREEIAGLTRPNQILLSGAYQRLQGRVQPGEISLAVA
FKRSLRSDRLYQPLYEANVMQLLLEGKLGAPKVEFEVHTLAPEGTNAFVTYEAASLYGLAEGRSAVHRAIRELYVPPTAA
DLARRFFAFLNERMELVNGENLYFQSHHHHHH
;
A,B
2 'polydeoxyribonucleotide' (DG)(DA)(DT)(DG)(DC)(DG)(DT)(DG)(DG)(DG)(DT)(DC)(DT)(DT)(DC)(DA)(DC)(DA) C,E
3 'polydeoxyribonucleotide'
;(DC)(DC)(DG)(DG)(DT)(DG)(DT)(DG)(DA)(DA)(DG)(DA)(DC)(DC)(DC)(DA)(DC)(DG)(DC)(DA)
(DT)(DC)
;
D,F
#
# COMPACT_ATOMS: atom_id res chain seq x y z
N PRO A 2 13.91 -24.74 -21.14
CA PRO A 2 14.34 -23.54 -21.87
C PRO A 2 13.23 -22.53 -22.02
N PHE A 3 13.38 -21.60 -22.97
CA PHE A 3 12.40 -20.54 -23.15
C PHE A 3 11.09 -21.05 -23.74
N THR A 4 11.10 -22.22 -24.39
CA THR A 4 9.95 -22.70 -25.14
C THR A 4 9.42 -24.03 -24.62
N TYR A 5 9.83 -24.45 -23.42
CA TYR A 5 9.33 -25.66 -22.78
C TYR A 5 9.58 -26.90 -23.66
N SER A 6 10.85 -27.25 -23.78
CA SER A 6 11.20 -28.54 -24.35
C SER A 6 10.74 -29.66 -23.43
N ILE A 7 10.17 -30.71 -24.01
CA ILE A 7 9.75 -31.86 -23.23
C ILE A 7 10.95 -32.65 -22.74
N GLU A 8 11.94 -32.85 -23.61
CA GLU A 8 13.12 -33.62 -23.23
C GLU A 8 13.94 -32.90 -22.16
N ALA A 9 13.98 -31.58 -22.20
CA ALA A 9 14.69 -30.84 -21.15
C ALA A 9 14.00 -31.00 -19.81
N THR A 10 12.67 -30.99 -19.79
CA THR A 10 11.94 -31.20 -18.55
C THR A 10 12.13 -32.63 -18.04
N ARG A 11 12.22 -33.59 -18.96
CA ARG A 11 12.43 -34.97 -18.55
C ARG A 11 13.78 -35.17 -17.87
N ASN A 12 14.80 -34.45 -18.32
CA ASN A 12 16.16 -34.62 -17.81
C ASN A 12 16.45 -33.76 -16.59
N LEU A 13 15.42 -33.28 -15.89
CA LEU A 13 15.60 -32.48 -14.69
C LEU A 13 15.52 -33.37 -13.45
N ALA A 14 16.31 -33.00 -12.44
CA ALA A 14 16.20 -33.68 -11.16
C ALA A 14 14.90 -33.30 -10.47
N THR A 15 14.48 -34.12 -9.51
CA THR A 15 13.23 -33.86 -8.80
C THR A 15 13.30 -32.56 -8.01
N THR A 16 14.49 -32.21 -7.52
CA THR A 16 14.67 -30.97 -6.79
C THR A 16 14.91 -29.76 -7.68
N GLU A 17 15.11 -29.98 -8.98
CA GLU A 17 15.31 -28.89 -9.93
C GLU A 17 14.07 -28.54 -10.72
N ARG A 18 12.96 -29.23 -10.50
CA ARG A 18 11.76 -29.00 -11.27
C ARG A 18 11.06 -27.72 -10.83
N CYS A 19 10.23 -27.18 -11.71
CA CYS A 19 9.61 -25.88 -11.47
C CYS A 19 8.52 -25.94 -10.41
N ILE A 20 7.95 -27.11 -10.15
CA ILE A 20 6.85 -27.25 -9.20
C ILE A 20 7.19 -28.36 -8.22
N GLN A 21 7.03 -28.06 -6.93
CA GLN A 21 7.33 -29.00 -5.86
C GLN A 21 6.02 -29.42 -5.19
N ASP A 22 5.79 -30.74 -5.12
CA ASP A 22 4.59 -31.28 -4.49
C ASP A 22 4.83 -31.35 -2.99
N ILE A 23 4.09 -30.56 -2.22
CA ILE A 23 4.23 -30.53 -0.77
C ILE A 23 2.93 -30.99 -0.12
N ARG A 24 2.21 -31.88 -0.79
CA ARG A 24 0.96 -32.39 -0.25
C ARG A 24 1.17 -33.25 0.98
N ASN A 25 2.33 -33.90 1.09
CA ASN A 25 2.67 -34.69 2.28
C ASN A 25 3.48 -33.90 3.29
N ALA A 26 3.82 -32.64 3.01
CA ALA A 26 4.57 -31.79 3.93
C ALA A 26 3.88 -30.44 4.01
N PRO A 27 2.73 -30.36 4.69
CA PRO A 27 1.99 -29.10 4.74
C PRO A 27 2.75 -28.00 5.47
N VAL A 28 2.48 -26.77 5.07
CA VAL A 28 2.99 -25.58 5.77
C VAL A 28 2.12 -25.37 7.00
N ARG A 29 2.57 -24.50 7.92
CA ARG A 29 1.92 -24.38 9.21
C ARG A 29 0.48 -23.91 9.11
N ASN A 30 0.25 -22.69 8.60
CA ASN A 30 -1.08 -22.12 8.54
C ASN A 30 -1.54 -21.89 7.10
N ARG A 31 -1.09 -22.74 6.17
CA ARG A 31 -1.41 -22.60 4.76
C ARG A 31 -1.98 -23.91 4.24
N SER A 32 -2.75 -23.80 3.16
CA SER A 32 -3.35 -24.96 2.50
C SER A 32 -2.72 -25.22 1.13
N THR A 33 -1.48 -24.78 0.95
CA THR A 33 -0.81 -24.98 -0.33
C THR A 33 -0.59 -26.46 -0.59
N GLN A 34 -0.81 -26.88 -1.83
CA GLN A 34 -0.53 -28.25 -2.26
C GLN A 34 0.66 -28.33 -3.21
N PHE A 35 0.65 -27.55 -4.28
CA PHE A 35 1.78 -27.46 -5.20
C PHE A 35 2.33 -26.04 -5.14
N GLN A 36 3.64 -25.93 -4.93
CA GLN A 36 4.27 -24.62 -4.81
C GLN A 36 5.12 -24.33 -6.03
N LEU A 37 5.26 -23.04 -6.34
CA LEU A 37 6.01 -22.57 -7.50
C LEU A 37 7.41 -22.18 -7.05
N ALA A 38 8.40 -22.97 -7.44
CA ALA A 38 9.79 -22.70 -7.08
C ALA A 38 10.35 -21.68 -8.07
N GLN A 39 10.17 -20.39 -7.76
CA GLN A 39 10.45 -19.33 -8.74
C GLN A 39 11.91 -19.31 -9.17
N GLN A 40 12.84 -19.69 -8.29
CA GLN A 40 14.23 -19.76 -8.70
C GLN A 40 14.45 -20.85 -9.73
N ASN A 41 13.78 -21.99 -9.57
CA ASN A 41 13.90 -23.07 -10.55
C ASN A 41 13.36 -22.65 -11.90
N MET A 42 12.23 -21.93 -11.93
CA MET A 42 11.67 -21.52 -13.22
C MET A 42 12.46 -20.39 -13.84
N LEU A 43 13.07 -19.53 -13.02
CA LEU A 43 13.99 -18.53 -13.57
C LEU A 43 15.19 -19.21 -14.22
N ALA A 44 15.73 -20.24 -13.57
CA ALA A 44 16.86 -20.96 -14.15
C ALA A 44 16.46 -21.79 -15.35
N TYR A 45 15.19 -22.18 -15.44
CA TYR A 45 14.71 -23.00 -16.55
C TYR A 45 14.41 -22.13 -17.78
N THR A 46 13.48 -21.19 -17.65
CA THR A 46 13.08 -20.37 -18.78
C THR A 46 14.22 -19.47 -19.24
N PHE A 47 14.84 -18.74 -18.32
CA PHE A 47 15.86 -17.77 -18.65
C PHE A 47 17.27 -18.28 -18.38
N GLY A 48 17.48 -19.59 -18.53
CA GLY A 48 18.79 -20.17 -18.25
C GLY A 48 19.86 -19.76 -19.24
N GLU A 49 19.48 -19.43 -20.48
CA GLU A 49 20.45 -19.02 -21.47
C GLU A 49 19.94 -17.85 -22.31
N VAL A 50 18.91 -17.15 -21.85
CA VAL A 50 18.31 -16.03 -22.57
C VAL A 50 18.21 -14.84 -21.62
N ILE A 51 18.74 -13.71 -22.03
CA ILE A 51 18.55 -12.45 -21.31
C ILE A 51 17.82 -11.49 -22.24
N PRO A 52 16.60 -11.10 -21.92
CA PRO A 52 15.86 -10.21 -22.83
C PRO A 52 16.59 -8.90 -23.03
N GLY A 53 16.54 -8.40 -24.27
CA GLY A 53 17.26 -7.21 -24.64
C GLY A 53 18.68 -7.46 -25.10
N PHE A 54 19.26 -8.61 -24.77
CA PHE A 54 20.60 -9.01 -25.22
C PHE A 54 20.56 -10.40 -25.83
N ALA A 55 19.41 -10.79 -26.37
CA ALA A 55 19.19 -12.09 -26.99
C ALA A 55 18.83 -11.88 -28.45
N SER A 56 18.38 -12.96 -29.10
CA SER A 56 17.95 -12.88 -30.50
C SER A 56 16.86 -11.83 -30.67
N ALA A 57 16.82 -11.24 -31.86
CA ALA A 57 15.95 -10.10 -32.11
C ALA A 57 14.47 -10.45 -31.95
N GLY A 58 14.11 -11.73 -31.99
CA GLY A 58 12.74 -12.12 -31.77
C GLY A 58 12.29 -12.08 -30.33
N ILE A 59 13.22 -11.97 -29.39
CA ILE A 59 12.90 -11.90 -27.98
C ILE A 59 13.09 -10.47 -27.49
N ASN A 60 14.04 -9.75 -28.10
CA ASN A 60 14.25 -8.36 -27.76
C ASN A 60 13.11 -7.46 -28.20
N GLY A 61 12.35 -7.88 -29.21
CA GLY A 61 11.23 -7.09 -29.70
C GLY A 61 9.88 -7.62 -29.27
N MET A 62 9.88 -8.77 -28.61
CA MET A 62 8.65 -9.34 -28.09
C MET A 62 8.07 -8.44 -27.02
N ASP A 63 6.74 -8.39 -26.96
CA ASP A 63 6.05 -7.56 -25.96
C ASP A 63 6.58 -7.94 -24.58
N TYR A 64 6.86 -6.95 -23.76
CA TYR A 64 7.44 -7.21 -22.44
C TYR A 64 6.45 -7.91 -21.52
N ARG A 65 5.16 -7.72 -21.73
CA ARG A 65 4.15 -8.42 -20.93
C ARG A 65 4.14 -9.91 -21.22
N ASP A 66 4.65 -10.33 -22.38
CA ASP A 66 4.70 -11.75 -22.73
C ASP A 66 6.02 -12.40 -22.36
N VAL A 67 7.11 -11.63 -22.28
CA VAL A 67 8.35 -12.16 -21.75
C VAL A 67 8.23 -12.41 -20.25
N ILE A 68 7.63 -11.45 -19.53
CA ILE A 68 7.34 -11.61 -18.10
C ILE A 68 5.96 -12.27 -18.02
N GLY A 69 5.97 -13.59 -17.89
CA GLY A 69 4.72 -14.33 -17.92
C GLY A 69 4.86 -15.67 -18.60
N ARG A 70 6.03 -15.88 -19.20
CA ARG A 70 6.40 -17.16 -19.80
C ARG A 70 6.79 -18.19 -18.75
N PRO A 71 7.59 -17.85 -17.72
CA PRO A 71 7.92 -18.86 -16.71
C PRO A 71 6.72 -19.47 -16.03
N VAL A 72 5.69 -18.67 -15.75
CA VAL A 72 4.53 -19.19 -15.04
C VAL A 72 3.76 -20.18 -15.91
N GLU A 73 3.61 -19.88 -17.20
CA GLU A 73 2.90 -20.80 -18.07
C GLU A 73 3.73 -22.06 -18.36
N ASN A 74 5.05 -21.94 -18.42
CA ASN A 74 5.89 -23.12 -18.52
C ASN A 74 5.73 -24.00 -17.29
N ALA A 75 5.68 -23.39 -16.11
CA ALA A 75 5.44 -24.14 -14.89
C ALA A 75 4.08 -24.83 -14.91
N VAL A 76 3.05 -24.12 -15.37
CA VAL A 76 1.72 -24.72 -15.44
C VAL A 76 1.71 -25.92 -16.37
N THR A 77 2.38 -25.79 -17.53
CA THR A 77 2.47 -26.91 -18.45
C THR A 77 3.17 -28.11 -17.80
N GLU A 78 4.29 -27.87 -17.13
CA GLU A 78 5.02 -28.96 -16.49
C GLU A 78 4.18 -29.62 -15.40
N GLY A 79 3.51 -28.81 -14.58
CA GLY A 79 2.69 -29.36 -13.51
C GLY A 79 1.52 -30.17 -14.02
N THR A 80 0.89 -29.70 -15.10
CA THR A 80 -0.16 -30.49 -15.72
C THR A 80 0.39 -31.79 -16.27
N HIS A 81 1.61 -31.76 -16.81
CA HIS A 81 2.21 -33.00 -17.32
C HIS A 81 2.45 -34.00 -16.19
N PHE A 82 2.95 -33.54 -15.05
CA PHE A 82 3.34 -34.47 -13.99
C PHE A 82 2.16 -34.85 -13.11
N PHE A 83 1.36 -33.88 -12.69
CA PHE A 83 0.20 -34.10 -11.83
C PHE A 83 -1.05 -33.75 -12.64
N ARG A 84 -1.56 -34.73 -13.37
CA ARG A 84 -2.73 -34.50 -14.21
C ARG A 84 -4.00 -34.58 -13.37
N ASP A 85 -4.91 -33.63 -13.59
CA ASP A 85 -6.23 -33.58 -12.95
C ASP A 85 -6.12 -33.31 -11.45
N ASP A 86 -4.90 -33.25 -10.92
CA ASP A 86 -4.66 -32.88 -9.55
C ASP A 86 -3.99 -31.53 -9.41
N PHE A 87 -3.40 -31.01 -10.49
CA PHE A 87 -2.65 -29.77 -10.43
C PHE A 87 -3.58 -28.58 -10.31
N ARG A 88 -3.27 -27.69 -9.37
CA ARG A 88 -3.99 -26.43 -9.22
C ARG A 88 -3.12 -25.48 -8.41
N VAL A 89 -2.88 -24.30 -8.95
CA VAL A 89 -2.09 -23.27 -8.30
C VAL A 89 -2.96 -22.04 -8.14
N ASP A 90 -3.05 -21.51 -6.92
CA ASP A 90 -3.88 -20.35 -6.67
C ASP A 90 -3.35 -19.13 -7.41
N SER A 91 -4.26 -18.25 -7.80
CA SER A 91 -3.89 -17.07 -8.59
C SER A 91 -2.98 -16.13 -7.80
N ASN A 92 -3.09 -16.12 -6.48
CA ASN A 92 -2.26 -15.25 -5.67
C ASN A 92 -0.79 -15.66 -5.73
N ALA A 93 -0.53 -16.97 -5.75
CA ALA A 93 0.84 -17.45 -5.94
C ALA A 93 1.40 -16.99 -7.27
N LYS A 94 0.58 -17.08 -8.32
CA LYS A 94 1.02 -16.62 -9.64
C LYS A 94 1.30 -15.12 -9.63
N ALA A 95 0.47 -14.33 -8.95
CA ALA A 95 0.70 -12.89 -8.87
C ALA A 95 2.02 -12.59 -8.18
N LYS A 96 2.27 -13.23 -7.04
CA LYS A 96 3.52 -13.01 -6.33
C LYS A 96 4.72 -13.37 -7.19
N VAL A 97 4.67 -14.54 -7.82
CA VAL A 97 5.82 -15.01 -8.60
C VAL A 97 6.02 -14.13 -9.82
N ALA A 98 4.93 -13.64 -10.42
CA ALA A 98 5.06 -12.74 -11.57
C ALA A 98 5.73 -11.44 -11.17
N GLY A 99 5.35 -10.87 -10.02
CA GLY A 99 6.03 -9.67 -9.57
C GLY A 99 7.50 -9.88 -9.33
N ASP A 100 7.85 -10.98 -8.65
CA ASP A 100 9.25 -11.26 -8.37
C ASP A 100 10.05 -11.48 -9.65
N ILE A 101 9.48 -12.22 -10.61
CA ILE A 101 10.17 -12.48 -11.87
C ILE A 101 10.37 -11.19 -12.65
N PHE A 102 9.35 -10.32 -12.68
CA PHE A 102 9.50 -9.03 -13.34
C PHE A 102 10.67 -8.25 -12.76
N GLU A 103 10.73 -8.15 -11.43
CA GLU A 103 11.82 -7.41 -10.80
C GLU A 103 13.17 -8.01 -11.14
N ILE A 104 13.29 -9.34 -11.05
CA ILE A 104 14.60 -9.97 -11.22
C ILE A 104 15.07 -9.86 -12.67
N VAL A 105 14.16 -10.05 -13.63
CA VAL A 105 14.55 -9.97 -15.04
C VAL A 105 14.93 -8.55 -15.42
N SER A 106 14.19 -7.55 -14.91
CA SER A 106 14.57 -6.17 -15.18
C SER A 106 15.93 -5.86 -14.58
N SER A 107 16.20 -6.35 -13.37
CA SER A 107 17.50 -6.15 -12.76
C SER A 107 18.62 -6.80 -13.58
N ALA A 108 18.36 -7.99 -14.13
CA ALA A 108 19.37 -8.65 -14.96
C ALA A 108 19.65 -7.86 -16.23
N VAL A 109 18.60 -7.34 -16.87
CA VAL A 109 18.80 -6.52 -18.07
C VAL A 109 19.63 -5.29 -17.74
N MET A 110 19.30 -4.62 -16.64
CA MET A 110 20.05 -3.45 -16.24
C MET A 110 21.50 -3.80 -15.90
N TRP A 111 21.72 -4.98 -15.30
CA TRP A 111 23.08 -5.41 -15.01
C TRP A 111 23.89 -5.61 -16.28
N ASN A 112 23.29 -6.23 -17.30
CA ASN A 112 24.00 -6.40 -18.56
C ASN A 112 24.31 -5.06 -19.21
N CYS A 113 23.36 -4.13 -19.16
CA CYS A 113 23.62 -2.79 -19.69
C CYS A 113 24.77 -2.12 -18.96
N ALA A 114 24.80 -2.24 -17.63
CA ALA A 114 25.88 -1.64 -16.85
C ALA A 114 27.21 -2.29 -17.16
N ALA A 115 27.21 -3.60 -17.38
CA ALA A 115 28.46 -4.29 -17.74
C ALA A 115 28.99 -3.79 -19.08
N ARG A 116 28.11 -3.63 -20.06
CA ARG A 116 28.55 -3.09 -21.35
C ARG A 116 29.08 -1.67 -21.19
N TRP A 117 28.39 -0.85 -20.38
CA TRP A 117 28.85 0.52 -20.15
C TRP A 117 30.23 0.54 -19.50
N ASN A 118 30.45 -0.31 -18.51
CA ASN A 118 31.76 -0.37 -17.86
C ASN A 118 32.85 -0.83 -18.82
N SER A 119 32.54 -1.84 -19.64
CA SER A 119 33.51 -2.31 -20.61
C SER A 119 33.89 -1.21 -21.60
N LEU A 120 32.90 -0.40 -22.02
CA LEU A 120 33.20 0.75 -22.86
C LEU A 120 34.07 1.76 -22.13
N MET A 121 33.72 2.05 -20.87
CA MET A 121 34.41 3.12 -20.13
C MET A 121 35.86 2.77 -19.88
N VAL A 122 36.15 1.50 -19.64
CA VAL A 122 37.52 1.04 -19.40
C VAL A 122 38.35 1.29 -20.66
N GLY A 123 37.71 1.24 -21.82
CA GLY A 123 38.40 1.41 -23.09
C GLY A 123 38.64 0.09 -23.79
N GLU A 124 37.62 -0.75 -23.84
CA GLU A 124 37.69 -2.04 -24.53
C GLU A 124 36.73 -2.09 -25.71
N GLY A 125 36.37 -0.94 -26.27
CA GLY A 125 35.45 -0.89 -27.39
C GLY A 125 34.01 -1.01 -26.96
N TRP A 126 33.13 -0.92 -27.95
CA TRP A 126 31.68 -1.00 -27.74
C TRP A 126 31.18 -2.27 -28.41
N ARG A 127 30.55 -3.15 -27.62
CA ARG A 127 30.03 -4.40 -28.15
C ARG A 127 28.88 -4.12 -29.11
N SER A 128 28.72 -4.99 -30.11
CA SER A 128 27.73 -4.74 -31.14
C SER A 128 26.97 -6.00 -31.56
N GLN A 129 26.89 -7.02 -30.70
CA GLN A 129 26.09 -8.19 -31.05
C GLN A 129 24.61 -7.83 -31.21
N PRO A 130 23.95 -7.14 -30.25
CA PRO A 130 22.75 -6.39 -30.61
C PRO A 130 23.10 -4.93 -30.89
N ARG A 131 22.46 -4.31 -31.85
CA ARG A 131 22.83 -2.96 -32.26
C ARG A 131 22.22 -1.96 -31.28
N TYR A 132 23.08 -1.27 -30.54
CA TYR A 132 22.70 -0.18 -29.66
C TYR A 132 23.56 1.03 -29.98
N SER A 133 22.99 2.22 -29.76
CA SER A 133 23.70 3.45 -30.07
C SER A 133 24.88 3.65 -29.13
N ARG A 134 26.05 3.93 -29.70
CA ARG A 134 27.24 4.16 -28.88
C ARG A 134 27.13 5.50 -28.17
N PRO A 135 27.39 5.55 -26.87
CA PRO A 135 27.32 6.83 -26.15
C PRO A 135 28.37 7.81 -26.65
N THR A 136 28.01 9.09 -26.63
CA THR A 136 28.90 10.16 -27.04
C THR A 136 29.81 10.65 -25.92
N LEU A 137 29.67 10.10 -24.72
CA LEU A 137 30.45 10.55 -23.59
C LEU A 137 31.91 10.14 -23.74
N SER A 138 32.80 10.98 -23.22
CA SER A 138 34.22 10.69 -23.27
C SER A 138 34.55 9.52 -22.35
N PRO A 139 35.22 8.49 -22.83
CA PRO A 139 35.52 7.33 -21.96
C PRO A 139 36.44 7.73 -20.82
N SER A 140 36.18 7.12 -19.66
CA SER A 140 36.97 7.32 -18.45
C SER A 140 36.65 6.22 -17.46
N PRO A 141 37.66 5.57 -16.87
CA PRO A 141 37.37 4.49 -15.91
C PRO A 141 36.57 4.94 -14.70
N ARG A 142 36.72 6.19 -14.28
CA ARG A 142 36.03 6.66 -13.08
C ARG A 142 34.52 6.70 -13.24
N ARG A 143 34.01 6.67 -14.47
CA ARG A 143 32.58 6.70 -14.72
C ARG A 143 32.03 5.29 -14.92
N GLN A 144 32.12 4.48 -13.87
CA GLN A 144 31.62 3.13 -13.88
C GLN A 144 30.54 2.96 -12.81
N VAL A 145 29.58 2.08 -13.09
CA VAL A 145 28.40 1.93 -12.26
C VAL A 145 28.23 0.48 -11.86
N ALA A 146 27.48 0.26 -10.79
CA ALA A 146 27.13 -1.07 -10.32
C ALA A 146 25.64 -1.11 -10.02
N VAL A 147 24.97 -2.18 -10.47
CA VAL A 147 23.54 -2.36 -10.27
C VAL A 147 23.35 -3.37 -9.15
N LEU A 148 22.69 -2.95 -8.08
CA LEU A 148 22.52 -3.76 -6.89
C LEU A 148 21.05 -4.10 -6.68
N ASN A 149 20.76 -5.40 -6.57
CA ASN A 149 19.42 -5.88 -6.25
C ASN A 149 19.34 -6.05 -4.74
N LEU A 150 18.68 -5.11 -4.07
CA LEU A 150 18.71 -5.08 -2.62
C LEU A 150 17.86 -6.21 -2.03
N PRO A 151 18.30 -6.82 -0.93
CA PRO A 151 17.54 -7.92 -0.32
C PRO A 151 16.29 -7.47 0.38
N ARG A 152 15.60 -8.40 1.07
CA ARG A 152 14.31 -8.09 1.67
C ARG A 152 14.42 -7.01 2.74
N SER A 153 15.07 -7.30 3.85
CA SER A 153 15.15 -6.36 4.97
C SER A 153 16.49 -5.62 4.99
N PHE A 154 16.76 -4.91 3.91
CA PHE A 154 17.99 -4.13 3.79
C PHE A 154 17.69 -2.65 3.99
N ASP A 155 18.47 -2.00 4.84
CA ASP A 155 18.23 -0.61 5.20
C ASP A 155 18.98 0.38 4.33
N TRP A 156 19.84 -0.09 3.42
CA TRP A 156 20.54 0.69 2.41
C TRP A 156 21.42 1.80 2.99
N VAL A 157 21.47 1.94 4.31
CA VAL A 157 22.39 2.90 4.92
C VAL A 157 23.75 2.27 5.16
N SER A 158 23.84 0.94 5.23
CA SER A 158 25.12 0.26 5.40
C SER A 158 26.01 0.40 4.17
N LEU A 159 25.47 0.88 3.04
CA LEU A 159 26.28 1.12 1.86
C LEU A 159 27.08 2.41 1.95
N LEU A 160 26.77 3.29 2.90
CA LEU A 160 27.46 4.56 3.05
C LEU A 160 28.76 4.38 3.83
N VAL A 161 29.67 5.33 3.63
CA VAL A 161 30.95 5.34 4.34
C VAL A 161 30.68 5.55 5.83
N PRO A 162 31.53 5.07 6.73
CA PRO A 162 31.22 5.17 8.16
C PRO A 162 30.98 6.59 8.64
N GLU A 163 31.72 7.57 8.11
CA GLU A 163 31.47 8.96 8.49
C GLU A 163 30.10 9.43 8.03
N SER A 164 29.57 8.85 6.95
CA SER A 164 28.21 9.14 6.53
C SER A 164 27.17 8.34 7.30
N GLN A 165 27.56 7.20 7.87
CA GLN A 165 26.65 6.42 8.69
C GLN A 165 26.55 6.95 10.11
N GLU A 166 27.54 7.68 10.59
CA GLU A 166 27.52 8.18 11.96
C GLU A 166 26.37 9.15 12.19
N VAL A 167 26.14 10.06 11.25
CA VAL A 167 25.07 11.04 11.40
C VAL A 167 23.71 10.34 11.41
N ILE A 168 23.52 9.39 10.51
CA ILE A 168 22.26 8.65 10.46
C ILE A 168 22.05 7.86 11.75
N GLU A 169 23.12 7.22 12.25
CA GLU A 169 23.01 6.47 13.50
C GLU A 169 22.65 7.38 14.66
N GLU A 170 23.28 8.55 14.74
CA GLU A 170 22.97 9.49 15.82
C GLU A 170 21.52 9.98 15.72
N PHE A 171 21.06 10.28 14.50
CA PHE A 171 19.68 10.74 14.33
C PHE A 171 18.70 9.65 14.73
N ARG A 172 18.97 8.41 14.34
CA ARG A 172 18.08 7.30 14.69
C ARG A 172 18.10 7.03 16.19
N ALA A 173 19.26 7.18 16.83
CA ALA A 173 19.34 7.02 18.27
C ALA A 173 18.55 8.12 18.99
N GLY A 174 18.66 9.35 18.51
CA GLY A 174 17.86 10.42 19.09
C GLY A 174 16.37 10.18 18.92
N LEU A 175 15.97 9.62 17.78
CA LEU A 175 14.57 9.27 17.60
C LEU A 175 14.15 8.14 18.54
N ARG A 176 15.02 7.15 18.71
CA ARG A 176 14.71 6.01 19.58
C ARG A 176 14.64 6.44 21.05
N LYS A 177 15.36 7.50 21.41
CA LYS A 177 15.32 7.97 22.79
C LYS A 177 13.91 8.27 23.25
N ASP A 178 13.06 8.77 22.34
CA ASP A 178 11.65 9.02 22.65
C ASP A 178 10.76 7.84 22.31
N GLY A 179 11.34 6.71 21.89
CA GLY A 179 10.54 5.55 21.56
C GLY A 179 9.97 5.55 20.16
N LEU A 180 10.45 6.42 19.28
CA LEU A 180 9.94 6.52 17.93
C LEU A 180 10.83 5.71 16.98
N GLY A 181 10.58 5.82 15.69
CA GLY A 181 11.36 5.09 14.70
C GLY A 181 11.15 5.66 13.32
N LEU A 182 11.90 5.12 12.36
CA LEU A 182 11.83 5.54 10.97
C LEU A 182 11.75 4.30 10.07
N PRO A 183 10.64 3.57 10.12
CA PRO A 183 10.52 2.38 9.28
C PRO A 183 10.35 2.72 7.81
N THR A 184 10.78 1.81 6.95
CA THR A 184 10.65 1.99 5.51
C THR A 184 10.83 0.64 4.83
N SER A 185 10.23 0.51 3.66
CA SER A 185 10.44 -0.68 2.84
C SER A 185 11.71 -0.51 2.01
N THR A 186 12.32 -1.64 1.68
CA THR A 186 13.56 -1.60 0.93
C THR A 186 13.28 -1.27 -0.53
N PRO A 187 13.91 -0.25 -1.08
CA PRO A 187 13.79 0.00 -2.53
C PRO A 187 14.29 -1.18 -3.32
N ASP A 188 13.61 -1.47 -4.43
CA ASP A 188 13.86 -2.71 -5.16
C ASP A 188 15.27 -2.75 -5.75
N LEU A 189 15.75 -1.62 -6.28
CA LEU A 189 17.04 -1.57 -6.94
C LEU A 189 17.72 -0.25 -6.65
N ALA A 190 19.05 -0.24 -6.76
CA ALA A 190 19.84 0.97 -6.58
C ALA A 190 21.05 0.90 -7.48
N VAL A 191 21.35 2.03 -8.13
CA VAL A 191 22.51 2.15 -9.02
C VAL A 191 23.46 3.16 -8.41
N VAL A 192 24.71 2.76 -8.21
CA VAL A 192 25.72 3.60 -7.57
C VAL A 192 26.99 3.59 -8.41
N VAL A 193 27.78 4.64 -8.24
CA VAL A 193 29.06 4.75 -8.94
C VAL A 193 30.06 3.80 -8.29
N LEU A 194 30.83 3.10 -9.12
CA LEU A 194 31.75 2.09 -8.62
C LEU A 194 32.84 2.72 -7.76
N PRO A 195 33.14 2.16 -6.59
CA PRO A 195 34.18 2.74 -5.74
C PRO A 195 35.55 2.60 -6.37
N GLU A 196 36.50 3.39 -5.85
CA GLU A 196 37.82 3.47 -6.45
C GLU A 196 38.59 2.17 -6.36
N GLU A 197 38.29 1.32 -5.37
CA GLU A 197 39.04 0.09 -5.19
C GLU A 197 38.66 -0.97 -6.22
N PHE A 198 37.41 -0.99 -6.68
CA PHE A 198 36.95 -1.98 -7.64
C PHE A 198 37.04 -1.50 -9.08
N GLN A 199 37.83 -0.46 -9.36
CA GLN A 199 37.95 0.06 -10.71
C GLN A 199 38.71 -0.88 -11.64
N ASN A 200 39.38 -1.90 -11.10
CA ASN A 200 40.14 -2.85 -11.90
C ASN A 200 39.56 -4.26 -11.90
N ASP A 201 38.57 -4.53 -11.07
CA ASP A 201 37.97 -5.86 -11.02
C ASP A 201 37.24 -6.17 -12.32
N GLU A 202 37.34 -7.42 -12.77
CA GLU A 202 36.75 -7.84 -14.03
C GLU A 202 35.34 -8.37 -13.88
N MET A 203 34.82 -8.49 -12.66
CA MET A 203 33.45 -8.96 -12.47
C MET A 203 32.42 -7.90 -12.82
N TRP A 204 32.82 -6.63 -12.91
CA TRP A 204 31.94 -5.54 -13.28
C TRP A 204 32.05 -5.17 -14.75
N ARG A 205 32.78 -5.97 -15.54
CA ARG A 205 33.02 -5.66 -16.94
C ARG A 205 32.49 -6.71 -17.90
N GLU A 206 31.93 -7.81 -17.41
CA GLU A 206 31.47 -8.90 -18.26
C GLU A 206 29.98 -9.14 -18.07
N GLU A 207 29.35 -9.66 -19.11
CA GLU A 207 27.91 -9.89 -19.14
C GLU A 207 27.60 -11.36 -18.86
N ILE A 208 26.46 -11.60 -18.23
CA ILE A 208 26.00 -12.95 -17.94
C ILE A 208 25.22 -13.47 -19.13
N ALA A 209 25.39 -14.77 -19.41
CA ALA A 209 24.72 -15.38 -20.55
C ALA A 209 23.35 -15.93 -20.22
N GLY A 210 22.97 -15.96 -18.96
CA GLY A 210 21.67 -16.49 -18.58
C GLY A 210 21.49 -16.42 -17.09
N LEU A 211 20.25 -16.62 -16.66
CA LEU A 211 19.89 -16.55 -15.24
C LEU A 211 20.00 -17.90 -14.56
N THR A 212 21.14 -18.56 -14.70
CA THR A 212 21.38 -19.79 -13.98
C THR A 212 21.55 -19.49 -12.49
N ARG A 213 21.47 -20.54 -11.67
CA ARG A 213 21.56 -20.36 -10.23
C ARG A 213 22.85 -19.68 -9.78
N PRO A 214 24.05 -20.04 -10.29
CA PRO A 214 25.23 -19.25 -9.93
C PRO A 214 25.11 -17.79 -10.32
N ASN A 215 24.52 -17.49 -11.47
CA ASN A 215 24.35 -16.09 -11.87
C ASN A 215 23.30 -15.39 -11.03
N GLN A 216 22.25 -16.11 -10.62
CA GLN A 216 21.28 -15.53 -9.70
C GLN A 216 21.94 -15.15 -8.38
N ILE A 217 22.80 -16.04 -7.85
CA ILE A 217 23.51 -15.74 -6.62
C ILE A 217 24.46 -14.56 -6.83
N LEU A 218 25.14 -14.51 -7.97
CA LEU A 218 26.04 -13.40 -8.26
C LEU A 218 25.30 -12.07 -8.30
N LEU A 219 24.13 -12.04 -8.94
CA LEU A 219 23.35 -10.81 -9.00
C LEU A 219 22.81 -10.42 -7.63
N SER A 220 22.31 -11.41 -6.87
CA SER A 220 21.68 -11.10 -5.59
C SER A 220 22.69 -10.67 -4.53
N GLY A 221 23.88 -11.27 -4.55
CA GLY A 221 24.89 -10.99 -3.54
C GLY A 221 25.86 -9.88 -3.88
N ALA A 222 25.62 -9.12 -4.95
CA ALA A 222 26.55 -8.07 -5.34
C ALA A 222 26.50 -6.87 -4.40
N TYR A 223 25.43 -6.75 -3.61
CA TYR A 223 25.33 -5.60 -2.70
C TYR A 223 26.36 -5.69 -1.58
N GLN A 224 26.70 -6.90 -1.14
CA GLN A 224 27.60 -7.07 0.00
C GLN A 224 29.02 -6.61 -0.31
N ARG A 225 29.40 -6.54 -1.59
CA ARG A 225 30.75 -6.12 -1.93
C ARG A 225 30.95 -4.63 -1.72
N LEU A 226 29.88 -3.85 -1.82
CA LEU A 226 29.96 -2.39 -1.73
C LEU A 226 29.50 -1.86 -0.39
N GLN A 227 29.30 -2.73 0.61
CA GLN A 227 28.83 -2.28 1.91
C GLN A 227 29.87 -1.39 2.57
N GLY A 228 29.42 -0.26 3.11
CA GLY A 228 30.32 0.67 3.78
C GLY A 228 31.38 1.27 2.88
N ARG A 229 31.07 1.50 1.60
CA ARG A 229 32.03 2.05 0.67
C ARG A 229 31.49 3.15 -0.23
N VAL A 230 30.19 3.26 -0.43
CA VAL A 230 29.62 4.22 -1.38
C VAL A 230 29.45 5.56 -0.71
N GLN A 231 29.94 6.62 -1.37
CA GLN A 231 29.75 7.96 -0.86
C GLN A 231 28.28 8.37 -0.98
N PRO A 232 27.82 9.29 -0.12
CA PRO A 232 26.40 9.70 -0.19
C PRO A 232 26.01 10.30 -1.52
N GLY A 233 26.91 11.02 -2.19
CA GLY A 233 26.59 11.66 -3.44
C GLY A 233 26.70 10.78 -4.66
N GLU A 234 27.00 9.50 -4.49
CA GLU A 234 27.17 8.58 -5.61
C GLU A 234 25.96 7.66 -5.81
N ILE A 235 24.84 7.95 -5.16
CA ILE A 235 23.61 7.19 -5.37
C ILE A 235 22.93 7.72 -6.62
N SER A 236 23.23 7.10 -7.77
CA SER A 236 22.77 7.64 -9.04
C SER A 236 21.27 7.49 -9.22
N LEU A 237 20.73 6.29 -8.97
CA LEU A 237 19.36 6.00 -9.32
C LEU A 237 18.78 4.96 -8.37
N ALA A 238 17.51 5.15 -8.00
CA ALA A 238 16.75 4.17 -7.24
C ALA A 238 15.49 3.82 -8.00
N VAL A 239 15.22 2.53 -8.15
CA VAL A 239 14.12 2.05 -8.98
C VAL A 239 13.21 1.18 -8.13
N ALA A 240 11.90 1.40 -8.25
CA ALA A 240 10.89 0.60 -7.57
C ALA A 240 9.98 -0.04 -8.60
N PHE A 241 10.16 -1.35 -8.81
CA PHE A 241 9.38 -2.08 -9.79
C PHE A 241 8.01 -2.45 -9.24
N LYS A 242 7.00 -2.34 -10.09
CA LYS A 242 5.64 -2.75 -9.75
C LYS A 242 4.97 -3.22 -11.03
N ARG A 243 4.75 -4.53 -11.14
CA ARG A 243 4.21 -5.08 -12.39
C ARG A 243 2.84 -4.50 -12.70
N SER A 244 2.07 -4.13 -11.68
CA SER A 244 0.77 -3.50 -11.89
C SER A 244 0.54 -2.48 -10.78
N LEU A 245 -0.27 -1.47 -11.08
CA LEU A 245 -0.56 -0.41 -10.15
C LEU A 245 -2.05 -0.40 -9.79
N ARG A 246 -2.33 0.03 -8.57
CA ARG A 246 -3.69 0.25 -8.10
C ARG A 246 -3.73 1.61 -7.40
N SER A 247 -4.94 2.16 -7.29
CA SER A 247 -5.08 3.51 -6.77
C SER A 247 -4.63 3.64 -5.32
N ASP A 248 -4.51 2.51 -4.61
CA ASP A 248 -4.03 2.52 -3.23
C ASP A 248 -2.65 1.91 -3.06
N ARG A 249 -2.26 0.98 -3.93
CA ARG A 249 -0.96 0.33 -3.82
C ARG A 249 0.19 1.23 -4.24
N LEU A 250 -0.10 2.38 -4.86
CA LEU A 250 0.96 3.23 -5.36
C LEU A 250 1.55 4.15 -4.31
N TYR A 251 1.03 4.12 -3.07
CA TYR A 251 1.56 4.99 -2.02
C TYR A 251 2.77 4.40 -1.32
N GLN A 252 3.04 3.11 -1.48
CA GLN A 252 4.26 2.54 -0.90
C GLN A 252 5.52 3.13 -1.52
N PRO A 253 5.67 3.20 -2.85
CA PRO A 253 6.86 3.88 -3.40
C PRO A 253 6.96 5.34 -3.01
N LEU A 254 5.83 6.04 -2.86
CA LEU A 254 5.87 7.42 -2.42
C LEU A 254 6.47 7.54 -1.02
N TYR A 255 6.05 6.65 -0.11
CA TYR A 255 6.62 6.66 1.24
C TYR A 255 8.10 6.30 1.22
N GLU A 256 8.49 5.30 0.43
CA GLU A 256 9.90 4.94 0.34
C GLU A 256 10.73 6.12 -0.15
N ALA A 257 10.26 6.79 -1.21
CA ALA A 257 10.98 7.93 -1.76
C ALA A 257 11.04 9.08 -0.76
N ASN A 258 9.94 9.33 -0.04
CA ASN A 258 9.94 10.41 0.94
C ASN A 258 10.97 10.15 2.03
N VAL A 259 11.00 8.92 2.57
CA VAL A 259 11.94 8.61 3.63
C VAL A 259 13.38 8.68 3.11
N MET A 260 13.63 8.14 1.92
CA MET A 260 14.98 8.16 1.36
C MET A 260 15.46 9.59 1.12
N GLN A 261 14.59 10.45 0.60
CA GLN A 261 14.98 11.84 0.37
C GLN A 261 15.16 12.59 1.68
N LEU A 262 14.35 12.30 2.70
CA LEU A 262 14.55 12.93 3.99
C LEU A 262 15.91 12.55 4.58
N LEU A 263 16.30 11.28 4.45
CA LEU A 263 17.58 10.86 4.99
C LEU A 263 18.75 11.40 4.18
N LEU A 264 18.65 11.38 2.84
CA LEU A 264 19.76 11.72 1.98
C LEU A 264 19.92 13.22 1.72
N GLU A 265 18.84 13.99 1.77
CA GLU A 265 18.92 15.42 1.49
C GLU A 265 18.88 16.28 2.74
N GLY A 266 18.04 15.95 3.71
CA GLY A 266 17.91 16.76 4.90
C GLY A 266 19.01 16.53 5.91
N LYS A 267 19.72 15.41 5.80
CA LYS A 267 20.76 15.06 6.76
C LYS A 267 22.15 14.94 6.16
N LEU A 268 22.27 14.49 4.91
CA LEU A 268 23.58 14.30 4.29
C LEU A 268 23.93 15.38 3.28
N GLY A 269 23.00 16.24 2.89
CA GLY A 269 23.32 17.31 1.96
C GLY A 269 23.53 16.85 0.54
N ALA A 270 23.01 15.69 0.16
CA ALA A 270 23.12 15.23 -1.21
C ALA A 270 22.32 16.14 -2.13
N PRO A 271 22.73 16.27 -3.40
CA PRO A 271 22.02 17.17 -4.32
C PRO A 271 20.55 16.82 -4.47
N LYS A 272 20.26 15.59 -4.90
CA LYS A 272 18.89 15.13 -5.06
C LYS A 272 18.91 13.63 -5.29
N VAL A 273 17.77 13.00 -5.01
CA VAL A 273 17.59 11.56 -5.20
C VAL A 273 16.72 11.33 -6.42
N GLU A 274 17.16 10.45 -7.31
CA GLU A 274 16.45 10.17 -8.55
C GLU A 274 15.69 8.86 -8.36
N PHE A 275 14.46 8.97 -7.86
CA PHE A 275 13.61 7.81 -7.60
C PHE A 275 12.55 7.71 -8.69
N GLU A 276 12.48 6.55 -9.34
CA GLU A 276 11.54 6.33 -10.42
C GLU A 276 10.86 4.97 -10.24
N VAL A 277 9.70 4.83 -10.86
CA VAL A 277 8.87 3.63 -10.73
C VAL A 277 8.66 3.03 -12.11
N HIS A 278 8.90 1.74 -12.23
CA HIS A 278 8.63 0.99 -13.45
C HIS A 278 7.36 0.18 -13.30
N THR A 279 6.63 0.03 -14.41
CA THR A 279 5.37 -0.69 -14.37
C THR A 279 5.07 -1.26 -15.74
N LEU A 280 4.15 -2.23 -15.77
CA LEU A 280 3.72 -2.84 -17.02
C LEU A 280 2.25 -2.62 -17.34
N ALA A 281 1.44 -2.22 -16.36
CA ALA A 281 0.01 -2.01 -16.58
C ALA A 281 -0.49 -0.95 -15.61
N PRO A 282 -0.37 0.32 -15.97
CA PRO A 282 -0.90 1.41 -15.13
C PRO A 282 -2.35 1.78 -15.39
N GLU A 283 -3.06 1.00 -16.21
CA GLU A 283 -4.43 1.36 -16.57
C GLU A 283 -5.38 1.14 -15.39
N GLY A 284 -6.48 1.88 -15.41
CA GLY A 284 -7.44 1.85 -14.33
C GLY A 284 -7.15 2.82 -13.20
N THR A 285 -6.02 3.51 -13.24
CA THR A 285 -5.62 4.45 -12.20
C THR A 285 -5.29 5.79 -12.84
N ASN A 286 -4.83 6.72 -12.01
CA ASN A 286 -4.36 8.03 -12.42
C ASN A 286 -2.96 8.26 -11.90
N ALA A 287 -2.10 7.25 -12.06
CA ALA A 287 -0.76 7.32 -11.49
C ALA A 287 0.09 8.40 -12.12
N PHE A 288 -0.16 8.74 -13.39
CA PHE A 288 0.65 9.74 -14.06
C PHE A 288 0.46 11.13 -13.47
N VAL A 289 -0.64 11.37 -12.77
CA VAL A 289 -0.89 12.64 -12.10
C VAL A 289 -0.64 12.54 -10.60
N THR A 290 -1.00 11.40 -10.00
CA THR A 290 -0.78 11.23 -8.57
C THR A 290 0.71 11.22 -8.23
N TYR A 291 1.52 10.54 -9.05
CA TYR A 291 2.96 10.52 -8.82
C TYR A 291 3.61 11.87 -9.06
N GLU A 292 2.89 12.82 -9.65
CA GLU A 292 3.34 14.21 -9.74
C GLU A 292 3.03 14.88 -8.40
N ALA A 293 3.84 14.52 -7.40
CA ALA A 293 3.61 14.92 -6.02
C ALA A 293 4.86 15.55 -5.43
N ALA A 294 4.65 16.50 -4.54
CA ALA A 294 5.74 17.19 -3.86
C ALA A 294 6.31 16.32 -2.75
N SER A 295 7.61 16.45 -2.50
CA SER A 295 8.26 15.67 -1.46
C SER A 295 7.86 16.20 -0.08
N LEU A 296 7.46 15.28 0.80
CA LEU A 296 7.03 15.64 2.15
C LEU A 296 8.26 15.86 3.03
N TYR A 297 9.01 16.90 2.68
CA TYR A 297 10.25 17.23 3.40
C TYR A 297 10.54 18.69 3.12
N GLY A 298 10.50 19.53 4.15
CA GLY A 298 10.71 20.95 4.01
C GLY A 298 9.46 21.74 3.66
N LEU A 299 8.33 21.08 3.45
CA LEU A 299 7.09 21.80 3.16
C LEU A 299 6.67 22.68 4.32
N ALA A 300 6.79 22.17 5.55
CA ALA A 300 6.35 22.92 6.72
C ALA A 300 7.25 24.10 7.05
N GLU A 301 8.47 24.15 6.51
CA GLU A 301 9.37 25.26 6.75
C GLU A 301 9.56 26.16 5.55
N GLY A 302 9.53 25.62 4.34
CA GLY A 302 9.64 26.43 3.14
C GLY A 302 10.96 27.14 2.99
N ARG A 303 12.07 26.45 3.27
CA ARG A 303 13.39 27.02 3.13
C ARG A 303 14.22 26.40 2.02
N SER A 304 13.83 25.22 1.54
CA SER A 304 14.52 24.54 0.44
C SER A 304 13.60 24.43 -0.76
N ALA A 305 14.20 24.18 -1.92
CA ALA A 305 13.43 24.04 -3.15
C ALA A 305 12.59 22.77 -3.10
N VAL A 306 11.39 22.86 -3.69
CA VAL A 306 10.44 21.76 -3.73
C VAL A 306 10.57 21.07 -5.08
N HIS A 307 10.43 19.75 -5.08
CA HIS A 307 10.54 18.96 -6.30
C HIS A 307 9.69 17.72 -6.17
N ARG A 308 9.57 16.99 -7.28
CA ARG A 308 8.80 15.76 -7.29
C ARG A 308 9.48 14.68 -6.45
N ALA A 309 8.67 13.95 -5.68
CA ALA A 309 9.21 12.81 -4.94
C ALA A 309 9.56 11.66 -5.88
N ILE A 310 8.77 11.45 -6.92
CA ILE A 310 9.00 10.42 -7.92
C ILE A 310 9.45 11.10 -9.20
N ARG A 311 10.62 10.69 -9.71
CA ARG A 311 11.17 11.33 -10.89
C ARG A 311 10.29 11.13 -12.11
N GLU A 312 9.82 9.89 -12.33
CA GLU A 312 9.11 9.55 -13.54
C GLU A 312 8.53 8.16 -13.40
N LEU A 313 7.38 7.94 -14.04
CA LEU A 313 6.77 6.62 -14.16
C LEU A 313 7.00 6.13 -15.58
N TYR A 314 7.61 4.96 -15.71
CA TYR A 314 8.03 4.43 -17.00
C TYR A 314 7.34 3.10 -17.27
N VAL A 315 6.83 2.93 -18.48
CA VAL A 315 6.16 1.72 -18.91
C VAL A 315 6.93 1.16 -20.10
N PRO A 316 7.83 0.21 -19.88
CA PRO A 316 8.62 -0.34 -20.98
C PRO A 316 7.79 -1.23 -21.87
N PRO A 317 7.78 -0.98 -23.18
CA PRO A 317 7.07 -1.88 -24.10
C PRO A 317 7.85 -3.14 -24.40
N THR A 318 9.18 -3.02 -24.45
CA THR A 318 10.06 -4.13 -24.77
C THR A 318 11.32 -4.04 -23.93
N ALA A 319 12.07 -5.14 -23.86
CA ALA A 319 13.33 -5.13 -23.12
C ALA A 319 14.36 -4.22 -23.80
N ALA A 320 14.38 -4.20 -25.12
CA ALA A 320 15.31 -3.33 -25.83
C ALA A 320 15.05 -1.86 -25.54
N ASP A 321 13.77 -1.49 -25.38
CA ASP A 321 13.45 -0.12 -25.02
C ASP A 321 13.97 0.23 -23.64
N LEU A 322 13.86 -0.70 -22.69
CA LEU A 322 14.40 -0.48 -21.35
C LEU A 322 15.92 -0.33 -21.40
N ALA A 323 16.59 -1.16 -22.21
CA ALA A 323 18.04 -1.05 -22.33
C ALA A 323 18.44 0.30 -22.92
N ARG A 324 17.72 0.74 -23.95
CA ARG A 324 18.03 2.04 -24.57
C ARG A 324 17.80 3.18 -23.59
N ARG A 325 16.71 3.10 -22.81
CA ARG A 325 16.44 4.14 -21.82
C ARG A 325 17.53 4.19 -20.76
N PHE A 326 17.98 3.02 -20.29
CA PHE A 326 19.05 3.00 -19.29
C PHE A 326 20.35 3.55 -19.86
N PHE A 327 20.67 3.20 -21.11
CA PHE A 327 21.88 3.73 -21.73
C PHE A 327 21.82 5.24 -21.87
N ALA A 328 20.67 5.77 -22.28
CA ALA A 328 20.51 7.23 -22.39
C ALA A 328 20.63 7.89 -21.02
N PHE A 329 20.03 7.28 -20.00
CA PHE A 329 20.12 7.84 -18.65
C PHE A 329 21.56 7.87 -18.17
N LEU A 330 22.31 6.80 -18.39
CA LEU A 330 23.71 6.78 -17.99
C LEU A 330 24.51 7.84 -18.74
N ASN A 331 24.28 7.96 -20.05
CA ASN A 331 25.01 8.95 -20.83
C ASN A 331 24.71 10.37 -20.35
N GLU A 332 23.46 10.63 -19.99
CA GLU A 332 23.11 11.96 -19.50
C GLU A 332 23.68 12.21 -18.10
N ARG A 333 23.62 11.21 -17.23
CA ARG A 333 23.98 11.41 -15.83
C ARG A 333 25.49 11.47 -15.62
N MET A 334 26.25 10.60 -16.27
CA MET A 334 27.69 10.56 -16.00
C MET A 334 28.43 11.79 -16.54
N GLU A 335 27.76 12.64 -17.32
CA GLU A 335 28.42 13.84 -17.84
C GLU A 335 28.82 14.78 -16.73
N LEU A 336 27.94 15.02 -15.76
CA LEU A 336 28.23 16.00 -14.72
C LEU A 336 29.23 15.49 -13.70
N VAL A 337 29.48 14.19 -13.66
CA VAL A 337 30.47 13.62 -12.75
C VAL A 337 31.84 13.74 -13.41
N ASN A 338 32.78 14.37 -12.72
CA ASN A 338 34.10 14.63 -13.26
C ASN A 338 34.95 13.37 -13.18
N GLY A 339 35.69 13.11 -14.25
CA GLY A 339 36.55 11.94 -14.31
C GLY A 339 37.60 12.05 -15.39
N PRO D 2 -32.81 -11.27 7.52
CA PRO D 2 -32.45 -11.55 8.92
C PRO D 2 -30.98 -11.89 9.09
N PHE D 3 -30.59 -12.16 10.33
CA PHE D 3 -29.21 -12.47 10.69
C PHE D 3 -28.86 -13.94 10.54
N THR D 4 -29.85 -14.80 10.25
CA THR D 4 -29.62 -16.24 10.25
C THR D 4 -30.12 -16.91 8.97
N TYR D 5 -30.34 -16.13 7.91
CA TYR D 5 -30.74 -16.66 6.60
C TYR D 5 -32.05 -17.46 6.70
N SER D 6 -33.13 -16.73 6.97
CA SER D 6 -34.45 -17.31 6.83
C SER D 6 -34.75 -17.60 5.36
N ILE D 7 -35.26 -18.80 5.09
CA ILE D 7 -35.62 -19.18 3.73
C ILE D 7 -36.84 -18.40 3.25
N GLU D 8 -37.86 -18.29 4.11
CA GLU D 8 -39.06 -17.57 3.72
C GLU D 8 -38.78 -16.08 3.52
N ALA D 9 -37.81 -15.53 4.25
CA ALA D 9 -37.45 -14.13 4.06
C ALA D 9 -36.74 -13.92 2.72
N THR D 10 -35.93 -14.89 2.30
CA THR D 10 -35.30 -14.80 0.99
C THR D 10 -36.32 -14.99 -0.12
N ARG D 11 -37.36 -15.79 0.12
CA ARG D 11 -38.39 -15.98 -0.89
C ARG D 11 -39.21 -14.71 -1.10
N ASN D 12 -39.32 -13.87 -0.07
CA ASN D 12 -40.14 -12.67 -0.15
C ASN D 12 -39.39 -11.48 -0.74
N LEU D 13 -38.11 -11.64 -1.09
CA LEU D 13 -37.33 -10.54 -1.62
C LEU D 13 -37.60 -10.35 -3.11
N ALA D 14 -37.63 -9.10 -3.54
CA ALA D 14 -37.71 -8.81 -4.96
C ALA D 14 -36.40 -9.15 -5.65
N THR D 15 -36.46 -9.30 -6.98
CA THR D 15 -35.28 -9.71 -7.73
C THR D 15 -34.17 -8.68 -7.68
N THR D 16 -34.49 -7.40 -7.48
CA THR D 16 -33.48 -6.35 -7.36
C THR D 16 -33.07 -6.11 -5.92
N GLU D 17 -33.70 -6.79 -4.95
CA GLU D 17 -33.36 -6.66 -3.54
C GLU D 17 -32.57 -7.85 -3.03
N ARG D 18 -32.11 -8.73 -3.92
CA ARG D 18 -31.43 -9.94 -3.52
C ARG D 18 -29.94 -9.69 -3.29
N CYS D 19 -29.32 -10.55 -2.49
CA CYS D 19 -27.93 -10.38 -2.13
C CYS D 19 -26.99 -10.65 -3.30
N ILE D 20 -27.47 -11.30 -4.36
CA ILE D 20 -26.62 -11.71 -5.48
C ILE D 20 -27.33 -11.37 -6.78
N GLN D 21 -26.62 -10.72 -7.70
CA GLN D 21 -27.17 -10.29 -8.97
C GLN D 21 -26.50 -11.07 -10.10
N ASP D 22 -27.32 -11.57 -11.03
CA ASP D 22 -26.84 -12.35 -12.16
C ASP D 22 -26.52 -11.39 -13.31
N ILE D 23 -25.25 -11.30 -13.68
CA ILE D 23 -24.84 -10.41 -14.77
C ILE D 23 -24.17 -11.23 -15.87
N ARG D 24 -24.62 -12.47 -16.05
CA ARG D 24 -24.04 -13.31 -17.09
C ARG D 24 -24.44 -12.84 -18.48
N ASN D 25 -25.64 -12.26 -18.62
CA ASN D 25 -26.08 -11.70 -19.88
C ASN D 25 -25.71 -10.24 -20.06
N ALA D 26 -25.12 -9.61 -19.04
CA ALA D 26 -24.74 -8.19 -19.08
C ALA D 26 -23.30 -8.06 -18.62
N PRO D 27 -22.35 -8.47 -19.46
CA PRO D 27 -20.94 -8.47 -19.03
C PRO D 27 -20.42 -7.07 -18.79
N VAL D 28 -19.41 -6.97 -17.91
CA VAL D 28 -18.73 -5.70 -17.68
C VAL D 28 -17.70 -5.48 -18.79
N ARG D 29 -17.20 -4.25 -18.87
CA ARG D 29 -16.38 -3.86 -20.02
C ARG D 29 -15.11 -4.67 -20.12
N ASN D 30 -14.44 -4.92 -18.99
CA ASN D 30 -13.14 -5.58 -19.04
C ASN D 30 -13.01 -6.68 -17.99
N ARG D 31 -14.11 -7.04 -17.33
CA ARG D 31 -14.09 -8.03 -16.27
C ARG D 31 -14.82 -9.29 -16.71
N SER D 32 -14.47 -10.41 -16.07
CA SER D 32 -15.08 -11.70 -16.33
C SER D 32 -16.07 -12.11 -15.24
N THR D 33 -16.61 -11.14 -14.51
CA THR D 33 -17.55 -11.43 -13.44
C THR D 33 -18.81 -12.04 -14.02
N GLN D 34 -19.35 -13.02 -13.30
CA GLN D 34 -20.62 -13.66 -13.66
C GLN D 34 -21.72 -13.38 -12.64
N PHE D 35 -21.42 -13.51 -11.36
CA PHE D 35 -22.34 -13.16 -10.28
C PHE D 35 -21.68 -12.07 -9.43
N GLN D 36 -22.47 -11.09 -9.04
CA GLN D 36 -21.95 -9.93 -8.34
C GLN D 36 -22.57 -9.83 -6.95
N LEU D 37 -21.73 -9.53 -5.96
CA LEU D 37 -22.15 -9.43 -4.57
C LEU D 37 -22.65 -8.02 -4.30
N ALA D 38 -23.96 -7.86 -4.20
CA ALA D 38 -24.57 -6.56 -3.95
C ALA D 38 -24.40 -6.24 -2.47
N GLN D 39 -23.32 -5.52 -2.15
CA GLN D 39 -22.94 -5.35 -0.75
C GLN D 39 -23.98 -4.56 0.04
N GLN D 40 -24.65 -3.60 -0.59
CA GLN D 40 -25.68 -2.85 0.12
C GLN D 40 -26.89 -3.73 0.42
N ASN D 41 -27.24 -4.62 -0.52
CA ASN D 41 -28.35 -5.53 -0.29
C ASN D 41 -28.04 -6.50 0.83
N MET D 42 -26.81 -7.02 0.88
CA MET D 42 -26.44 -7.91 1.97
C MET D 42 -26.39 -7.18 3.30
N LEU D 43 -25.95 -5.91 3.30
CA LEU D 43 -25.97 -5.13 4.52
C LEU D 43 -27.41 -4.92 5.01
N ALA D 44 -28.33 -4.64 4.10
CA ALA D 44 -29.72 -4.46 4.48
C ALA D 44 -30.39 -5.78 4.87
N TYR D 45 -29.87 -6.91 4.39
CA TYR D 45 -30.47 -8.20 4.71
C TYR D 45 -29.99 -8.73 6.04
N THR D 46 -28.66 -8.79 6.24
CA THR D 46 -28.11 -9.37 7.45
C THR D 46 -28.29 -8.45 8.65
N PHE D 47 -28.04 -7.15 8.47
CA PHE D 47 -28.07 -6.20 9.57
C PHE D 47 -29.23 -5.22 9.44
N GLY D 48 -30.35 -5.67 8.89
CA GLY D 48 -31.50 -4.79 8.74
C GLY D 48 -32.26 -4.52 10.02
N GLU D 49 -32.05 -5.36 11.04
CA GLU D 49 -32.68 -5.15 12.34
C GLU D 49 -31.74 -5.45 13.48
N VAL D 50 -30.44 -5.63 13.22
CA VAL D 50 -29.46 -5.95 14.24
C VAL D 50 -28.27 -5.00 14.07
N ILE D 51 -27.88 -4.34 15.17
CA ILE D 51 -26.65 -3.57 15.23
C ILE D 51 -25.75 -4.22 16.27
N PRO D 52 -24.56 -4.70 15.91
CA PRO D 52 -23.69 -5.32 16.91
C PRO D 52 -23.31 -4.34 18.00
N GLY D 53 -23.23 -4.83 19.23
CA GLY D 53 -22.96 -4.01 20.38
C GLY D 53 -24.17 -3.34 20.99
N PHE D 54 -25.27 -3.25 20.24
CA PHE D 54 -26.53 -2.66 20.69
C PHE D 54 -27.69 -3.59 20.35
N ALA D 55 -27.51 -4.86 20.68
CA ALA D 55 -28.49 -5.91 20.38
C ALA D 55 -28.46 -6.91 21.51
N SER D 56 -28.97 -8.12 21.26
CA SER D 56 -28.97 -9.16 22.29
C SER D 56 -27.54 -9.48 22.74
N ALA D 57 -27.43 -10.01 23.96
CA ALA D 57 -26.13 -10.29 24.53
C ALA D 57 -25.37 -11.36 23.76
N GLY D 58 -26.06 -12.23 23.03
CA GLY D 58 -25.39 -13.21 22.20
C GLY D 58 -24.67 -12.62 21.01
N ILE D 59 -25.27 -11.63 20.35
CA ILE D 59 -24.62 -10.97 19.23
C ILE D 59 -23.53 -10.01 19.69
N ASN D 60 -23.75 -9.30 20.79
CA ASN D 60 -22.75 -8.36 21.30
C ASN D 60 -21.46 -9.07 21.66
N GLY D 61 -21.57 -10.19 22.37
CA GLY D 61 -20.42 -10.95 22.82
C GLY D 61 -19.82 -11.89 21.79
N MET D 62 -20.42 -12.01 20.61
CA MET D 62 -19.88 -12.87 19.58
C MET D 62 -18.54 -12.35 19.09
N ASP D 63 -17.69 -13.27 18.62
CA ASP D 63 -16.38 -12.87 18.07
C ASP D 63 -16.63 -11.90 16.93
N TYR D 64 -15.87 -10.84 16.86
CA TYR D 64 -16.06 -9.82 15.83
C TYR D 64 -15.71 -10.36 14.45
N ARG D 65 -14.78 -11.31 14.35
CA ARG D 65 -14.49 -11.95 13.09
C ARG D 65 -15.67 -12.79 12.59
N ASP D 66 -16.59 -13.16 13.48
CA ASP D 66 -17.76 -13.93 13.11
C ASP D 66 -18.94 -13.07 12.71
N VAL D 67 -19.06 -11.87 13.30
CA VAL D 67 -20.08 -10.93 12.87
C VAL D 67 -19.74 -10.38 11.50
N ILE D 68 -18.48 -9.98 11.31
CA ILE D 68 -18.00 -9.56 9.99
C ILE D 68 -17.65 -10.80 9.19
N GLY D 69 -18.59 -11.27 8.38
CA GLY D 69 -18.42 -12.51 7.65
C GLY D 69 -19.72 -13.26 7.53
N ARG D 70 -20.70 -12.89 8.35
CA ARG D 70 -22.05 -13.41 8.18
C ARG D 70 -22.68 -13.00 6.85
N PRO D 71 -22.64 -11.72 6.42
CA PRO D 71 -23.28 -11.38 5.14
C PRO D 71 -22.74 -12.16 3.96
N VAL D 72 -21.43 -12.40 3.90
CA VAL D 72 -20.85 -13.10 2.77
C VAL D 72 -21.36 -14.53 2.70
N GLU D 73 -21.41 -15.21 3.84
CA GLU D 73 -21.88 -16.60 3.82
C GLU D 73 -23.38 -16.70 3.62
N ASN D 74 -24.15 -15.72 4.11
CA ASN D 74 -25.57 -15.68 3.77
C ASN D 74 -25.78 -15.51 2.27
N ALA D 75 -24.99 -14.62 1.64
CA ALA D 75 -25.08 -14.45 0.20
C ALA D 75 -24.67 -15.70 -0.55
N VAL D 76 -23.64 -16.40 -0.05
CA VAL D 76 -23.21 -17.64 -0.70
C VAL D 76 -24.32 -18.69 -0.61
N THR D 77 -24.97 -18.80 0.55
CA THR D 77 -26.07 -19.74 0.68
C THR D 77 -27.21 -19.39 -0.27
N GLU D 78 -27.56 -18.10 -0.37
CA GLU D 78 -28.63 -17.70 -1.28
C GLU D 78 -28.26 -18.01 -2.73
N GLY D 79 -27.03 -17.71 -3.13
CA GLY D 79 -26.60 -17.99 -4.49
C GLY D 79 -26.61 -19.47 -4.81
N THR D 80 -26.19 -20.30 -3.86
CA THR D 80 -26.28 -21.74 -4.06
C THR D 80 -27.73 -22.19 -4.19
N HIS D 81 -28.62 -21.57 -3.43
CA HIS D 81 -30.04 -21.92 -3.53
C HIS D 81 -30.60 -21.57 -4.89
N PHE D 82 -30.25 -20.39 -5.42
CA PHE D 82 -30.89 -19.94 -6.65
C PHE D 82 -30.22 -20.52 -7.89
N PHE D 83 -28.90 -20.34 -8.02
CA PHE D 83 -28.14 -20.86 -9.16
C PHE D 83 -27.30 -22.01 -8.64
N ARG D 84 -27.89 -23.21 -8.63
CA ARG D 84 -27.19 -24.38 -8.13
C ARG D 84 -26.22 -24.91 -9.18
N ASP D 85 -25.05 -25.35 -8.72
CA ASP D 85 -24.05 -26.00 -9.55
C ASP D 85 -23.42 -25.06 -10.57
N ASP D 86 -23.94 -23.83 -10.64
CA ASP D 86 -23.37 -22.79 -11.49
C ASP D 86 -22.78 -21.64 -10.70
N PHE D 87 -23.23 -21.44 -9.47
CA PHE D 87 -22.76 -20.33 -8.65
C PHE D 87 -21.26 -20.43 -8.39
N ARG D 88 -20.59 -19.29 -8.52
CA ARG D 88 -19.17 -19.19 -8.19
C ARG D 88 -18.82 -17.73 -8.04
N VAL D 89 -18.15 -17.39 -6.94
CA VAL D 89 -17.71 -16.04 -6.66
C VAL D 89 -16.21 -16.07 -6.37
N ASP D 90 -15.46 -15.20 -7.05
CA ASP D 90 -14.03 -15.15 -6.85
C ASP D 90 -13.70 -14.65 -5.44
N SER D 91 -12.58 -15.13 -4.91
CA SER D 91 -12.17 -14.74 -3.55
C SER D 91 -11.90 -13.26 -3.42
N ASN D 92 -11.46 -12.60 -4.49
CA ASN D 92 -11.15 -11.18 -4.41
C ASN D 92 -12.40 -10.34 -4.22
N ALA D 93 -13.51 -10.74 -4.85
CA ALA D 93 -14.78 -10.08 -4.61
C ALA D 93 -15.20 -10.21 -3.15
N LYS D 94 -15.01 -11.41 -2.58
CA LYS D 94 -15.32 -11.61 -1.16
C LYS D 94 -14.45 -10.75 -0.27
N ALA D 95 -13.16 -10.63 -0.61
CA ALA D 95 -12.26 -9.80 0.20
C ALA D 95 -12.69 -8.35 0.18
N LYS D 96 -12.98 -7.82 -1.02
CA LYS D 96 -13.44 -6.43 -1.14
C LYS D 96 -14.71 -6.20 -0.34
N VAL D 97 -15.69 -7.09 -0.51
CA VAL D 97 -16.97 -6.93 0.17
C VAL D 97 -16.78 -7.01 1.68
N ALA D 98 -15.94 -7.94 2.15
CA ALA D 98 -15.73 -8.10 3.58
C ALA D 98 -15.08 -6.87 4.19
N GLY D 99 -14.10 -6.28 3.49
CA GLY D 99 -13.52 -5.04 3.98
C GLY D 99 -14.55 -3.93 4.09
N ASP D 100 -15.41 -3.80 3.07
CA ASP D 100 -16.44 -2.77 3.12
C ASP D 100 -17.43 -3.03 4.27
N ILE D 101 -17.80 -4.29 4.48
CA ILE D 101 -18.70 -4.62 5.59
C ILE D 101 -18.08 -4.25 6.92
N PHE D 102 -16.80 -4.58 7.10
CA PHE D 102 -16.11 -4.25 8.35
C PHE D 102 -16.17 -2.75 8.61
N GLU D 103 -15.80 -1.95 7.61
CA GLU D 103 -15.77 -0.50 7.78
C GLU D 103 -17.17 0.04 8.09
N ILE D 104 -18.17 -0.41 7.35
CA ILE D 104 -19.51 0.18 7.48
C ILE D 104 -20.14 -0.21 8.82
N VAL D 105 -20.02 -1.47 9.23
CA VAL D 105 -20.61 -1.89 10.49
C VAL D 105 -19.91 -1.23 11.67
N SER D 106 -18.57 -1.10 11.61
CA SER D 106 -17.88 -0.38 12.68
C SER D 106 -18.32 1.07 12.75
N SER D 107 -18.50 1.72 11.60
CA SER D 107 -18.99 3.09 11.59
C SER D 107 -20.40 3.19 12.17
N ALA D 108 -21.25 2.21 11.88
CA ALA D 108 -22.60 2.21 12.45
C ALA D 108 -22.57 2.08 13.97
N VAL D 109 -21.71 1.19 14.47
CA VAL D 109 -21.58 1.04 15.93
C VAL D 109 -21.11 2.35 16.56
N MET D 110 -20.12 3.00 15.94
CA MET D 110 -19.65 4.28 16.47
C MET D 110 -20.75 5.34 16.41
N TRP D 111 -21.58 5.32 15.37
CA TRP D 111 -22.69 6.26 15.27
C TRP D 111 -23.68 6.05 16.41
N ASN D 112 -24.00 4.79 16.72
CA ASN D 112 -24.92 4.53 17.83
C ASN D 112 -24.32 4.99 19.15
N CYS D 113 -23.03 4.74 19.36
CA CYS D 113 -22.38 5.22 20.58
C CYS D 113 -22.44 6.73 20.69
N ALA D 114 -22.17 7.43 19.57
CA ALA D 114 -22.23 8.89 19.58
C ALA D 114 -23.65 9.39 19.85
N ALA D 115 -24.65 8.71 19.29
CA ALA D 115 -26.03 9.10 19.53
C ALA D 115 -26.39 8.98 21.01
N ARG D 116 -26.00 7.88 21.64
CA ARG D 116 -26.26 7.72 23.07
C ARG D 116 -25.51 8.77 23.88
N TRP D 117 -24.26 9.06 23.49
CA TRP D 117 -23.47 10.06 24.20
C TRP D 117 -24.14 11.44 24.12
N ASN D 118 -24.58 11.83 22.94
CA ASN D 118 -25.25 13.11 22.77
C ASN D 118 -26.56 13.16 23.56
N SER D 119 -27.34 12.07 23.51
CA SER D 119 -28.59 12.05 24.25
C SER D 119 -28.35 12.17 25.75
N LEU D 120 -27.27 11.59 26.26
CA LEU D 120 -26.92 11.80 27.66
C LEU D 120 -26.50 13.24 27.91
N MET D 121 -25.73 13.82 26.99
CA MET D 121 -25.12 15.11 27.27
C MET D 121 -26.06 16.28 27.01
N VAL D 122 -27.23 16.04 26.44
CA VAL D 122 -28.25 17.08 26.34
C VAL D 122 -29.21 16.93 27.52
N GLY D 123 -28.81 16.14 28.52
CA GLY D 123 -29.63 15.95 29.70
C GLY D 123 -30.93 15.19 29.48
N GLU D 124 -30.90 14.12 28.71
CA GLU D 124 -32.06 13.27 28.51
C GLU D 124 -31.90 11.89 29.15
N GLY D 125 -30.84 11.68 29.93
CA GLY D 125 -30.66 10.43 30.62
C GLY D 125 -29.69 9.49 29.92
N TRP D 126 -29.50 8.33 30.55
CA TRP D 126 -28.56 7.32 30.10
C TRP D 126 -29.32 6.04 29.79
N ARG D 127 -29.46 5.73 28.51
CA ARG D 127 -30.12 4.49 28.11
C ARG D 127 -29.37 3.29 28.68
N SER D 128 -30.13 2.27 29.08
CA SER D 128 -29.51 1.14 29.77
C SER D 128 -30.02 -0.21 29.30
N GLN D 129 -30.54 -0.32 28.08
CA GLN D 129 -30.93 -1.65 27.58
C GLN D 129 -29.71 -2.57 27.47
N PRO D 130 -28.61 -2.19 26.84
CA PRO D 130 -27.34 -2.83 27.16
C PRO D 130 -26.60 -2.03 28.22
N ARG D 131 -25.83 -2.75 29.05
CA ARG D 131 -25.19 -2.14 30.20
C ARG D 131 -23.80 -1.65 29.81
N TYR D 132 -23.63 -0.33 29.75
CA TYR D 132 -22.33 0.30 29.58
C TYR D 132 -22.12 1.28 30.72
N SER D 133 -20.86 1.51 31.06
CA SER D 133 -20.54 2.39 32.18
C SER D 133 -20.93 3.83 31.85
N ARG D 134 -21.67 4.46 32.75
CA ARG D 134 -22.08 5.84 32.55
C ARG D 134 -20.89 6.77 32.73
N PRO D 135 -20.65 7.69 31.80
CA PRO D 135 -19.50 8.60 31.94
C PRO D 135 -19.66 9.51 33.14
N THR D 136 -18.52 9.88 33.73
CA THR D 136 -18.48 10.77 34.88
C THR D 136 -18.41 12.23 34.49
N LEU D 137 -18.39 12.55 33.20
CA LEU D 137 -18.25 13.94 32.76
C LEU D 137 -19.51 14.73 33.05
N SER D 138 -19.33 16.04 33.22
CA SER D 138 -20.45 16.93 33.50
C SER D 138 -21.26 17.15 32.23
N PRO D 139 -22.57 16.92 32.23
CA PRO D 139 -23.36 17.13 31.02
C PRO D 139 -23.39 18.60 30.61
N SER D 140 -23.40 18.81 29.30
CA SER D 140 -23.46 20.13 28.68
C SER D 140 -23.73 19.97 27.19
N PRO D 141 -24.60 20.80 26.60
CA PRO D 141 -24.90 20.64 25.16
C PRO D 141 -23.70 20.90 24.27
N ARG D 142 -22.72 21.68 24.71
CA ARG D 142 -21.60 22.09 23.88
C ARG D 142 -20.55 21.00 23.72
N ARG D 143 -20.84 19.75 24.09
CA ARG D 143 -19.85 18.68 24.01
C ARG D 143 -20.32 17.50 23.17
N GLN D 144 -21.39 17.65 22.39
CA GLN D 144 -21.86 16.58 21.54
C GLN D 144 -20.87 16.32 20.40
N VAL D 145 -20.96 15.12 19.82
CA VAL D 145 -20.04 14.70 18.78
C VAL D 145 -20.83 14.17 17.59
N ALA D 146 -20.16 14.15 16.44
CA ALA D 146 -20.73 13.62 15.20
C ALA D 146 -19.74 12.68 14.57
N VAL D 147 -20.21 11.53 14.11
CA VAL D 147 -19.39 10.51 13.46
C VAL D 147 -19.68 10.57 11.97
N LEU D 148 -18.65 10.76 11.16
CA LEU D 148 -18.79 10.97 9.73
C LEU D 148 -18.08 9.86 8.97
N ASN D 149 -18.82 9.16 8.11
CA ASN D 149 -18.28 8.14 7.23
C ASN D 149 -17.92 8.81 5.90
N LEU D 150 -16.66 9.19 5.76
CA LEU D 150 -16.24 9.96 4.60
C LEU D 150 -16.33 9.12 3.34
N PRO D 151 -16.74 9.71 2.21
CA PRO D 151 -16.84 8.97 0.95
C PRO D 151 -15.50 8.94 0.22
N ARG D 152 -15.51 8.35 -0.96
CA ARG D 152 -14.31 8.25 -1.77
C ARG D 152 -14.01 9.60 -2.43
N SER D 153 -12.72 9.85 -2.65
CA SER D 153 -12.24 11.06 -3.32
C SER D 153 -12.76 12.32 -2.63
N PHE D 154 -12.82 12.28 -1.30
CA PHE D 154 -13.23 13.42 -0.50
C PHE D 154 -12.01 14.21 -0.05
N ASP D 155 -12.09 15.52 -0.14
CA ASP D 155 -10.97 16.38 0.22
C ASP D 155 -10.79 16.51 1.72
N TRP D 156 -11.88 16.37 2.49
CA TRP D 156 -11.93 16.46 3.95
C TRP D 156 -11.49 17.83 4.46
N VAL D 157 -11.08 18.71 3.54
CA VAL D 157 -10.79 20.09 3.92
C VAL D 157 -12.02 20.99 3.76
N SER D 158 -12.99 20.57 2.94
CA SER D 158 -14.25 21.30 2.83
C SER D 158 -15.05 21.29 4.13
N LEU D 159 -14.71 20.40 5.06
CA LEU D 159 -15.33 20.41 6.39
C LEU D 159 -14.89 21.59 7.23
N LEU D 160 -13.81 22.27 6.85
CA LEU D 160 -13.28 23.38 7.63
C LEU D 160 -13.99 24.68 7.27
N VAL D 161 -13.94 25.63 8.20
CA VAL D 161 -14.52 26.96 8.01
C VAL D 161 -13.75 27.66 6.89
N PRO D 162 -14.38 28.58 6.14
CA PRO D 162 -13.68 29.14 4.97
C PRO D 162 -12.37 29.84 5.29
N GLU D 163 -12.29 30.53 6.43
CA GLU D 163 -11.04 31.22 6.77
C GLU D 163 -9.90 30.22 6.89
N SER D 164 -10.17 29.04 7.45
CA SER D 164 -9.16 28.00 7.49
C SER D 164 -8.93 27.40 6.10
N GLN D 165 -9.96 27.37 5.26
CA GLN D 165 -9.81 26.77 3.94
C GLN D 165 -8.92 27.60 3.03
N GLU D 166 -8.94 28.93 3.19
CA GLU D 166 -8.12 29.79 2.34
C GLU D 166 -6.62 29.55 2.53
N VAL D 167 -6.18 29.25 3.76
CA VAL D 167 -4.76 28.97 3.97
C VAL D 167 -4.34 27.73 3.20
N ILE D 168 -5.12 26.66 3.30
CA ILE D 168 -4.81 25.43 2.60
C ILE D 168 -4.88 25.64 1.09
N GLU D 169 -5.86 26.43 0.63
CA GLU D 169 -5.99 26.71 -0.79
C GLU D 169 -4.79 27.50 -1.31
N GLU D 170 -4.32 28.48 -0.55
CA GLU D 170 -3.14 29.23 -0.95
C GLU D 170 -1.90 28.33 -1.00
N PHE D 171 -1.75 27.46 0.00
CA PHE D 171 -0.62 26.53 -0.01
C PHE D 171 -0.67 25.61 -1.22
N ARG D 172 -1.86 25.08 -1.53
CA ARG D 172 -2.00 24.19 -2.68
C ARG D 172 -1.79 24.92 -3.99
N ALA D 173 -2.22 26.18 -4.07
CA ALA D 173 -1.98 26.97 -5.28
C ALA D 173 -0.49 27.23 -5.47
N GLY D 174 0.22 27.54 -4.37
CA GLY D 174 1.66 27.69 -4.47
C GLY D 174 2.35 26.42 -4.92
N LEU D 175 1.86 25.27 -4.44
CA LEU D 175 2.39 23.99 -4.92
C LEU D 175 2.10 23.78 -6.40
N ARG D 176 0.88 24.12 -6.84
CA ARG D 176 0.48 23.89 -8.22
C ARG D 176 1.21 24.82 -9.18
N LYS D 177 1.61 25.99 -8.72
CA LYS D 177 2.33 26.92 -9.60
C LYS D 177 3.60 26.31 -10.13
N ASP D 178 4.28 25.50 -9.32
CA ASP D 178 5.50 24.82 -9.75
C ASP D 178 5.21 23.49 -10.44
N GLY D 179 3.95 23.12 -10.61
CA GLY D 179 3.61 21.86 -11.22
C GLY D 179 3.64 20.67 -10.29
N LEU D 180 3.41 20.87 -9.00
CA LEU D 180 3.44 19.81 -8.01
C LEU D 180 2.02 19.58 -7.48
N GLY D 181 1.91 18.67 -6.51
CA GLY D 181 0.62 18.36 -5.94
C GLY D 181 0.77 17.64 -4.63
N LEU D 182 -0.36 17.50 -3.93
CA LEU D 182 -0.42 16.85 -2.62
C LEU D 182 -1.55 15.84 -2.60
N PRO D 183 -1.35 14.69 -3.24
CA PRO D 183 -2.40 13.67 -3.26
C PRO D 183 -2.43 12.86 -1.96
N THR D 184 -3.61 12.33 -1.66
CA THR D 184 -3.79 11.50 -0.49
C THR D 184 -5.07 10.70 -0.64
N SER D 185 -5.25 9.72 0.23
CA SER D 185 -6.46 8.94 0.29
C SER D 185 -7.34 9.41 1.44
N THR D 186 -8.64 9.28 1.26
CA THR D 186 -9.58 9.77 2.26
C THR D 186 -9.59 8.85 3.47
N PRO D 187 -9.40 9.37 4.68
CA PRO D 187 -9.56 8.54 5.88
C PRO D 187 -10.95 7.93 5.94
N ASP D 188 -11.03 6.71 6.46
CA ASP D 188 -12.29 5.97 6.44
C ASP D 188 -13.34 6.60 7.33
N LEU D 189 -12.94 7.36 8.34
CA LEU D 189 -13.90 7.94 9.27
C LEU D 189 -13.25 9.12 9.96
N ALA D 190 -14.10 10.01 10.50
CA ALA D 190 -13.64 11.18 11.24
C ALA D 190 -14.71 11.59 12.23
N VAL D 191 -14.31 11.82 13.47
CA VAL D 191 -15.21 12.24 14.54
C VAL D 191 -14.91 13.70 14.87
N VAL D 192 -15.94 14.54 14.79
CA VAL D 192 -15.78 15.98 15.02
C VAL D 192 -16.82 16.44 16.04
N VAL D 193 -16.49 17.54 16.70
CA VAL D 193 -17.41 18.16 17.66
C VAL D 193 -18.55 18.82 16.90
N LEU D 194 -19.77 18.64 17.40
CA LEU D 194 -20.94 19.15 16.71
C LEU D 194 -20.91 20.68 16.65
N PRO D 195 -21.18 21.28 15.50
CA PRO D 195 -21.20 22.74 15.41
C PRO D 195 -22.34 23.34 16.21
N GLU D 196 -22.17 24.62 16.54
CA GLU D 196 -23.10 25.28 17.46
C GLU D 196 -24.50 25.47 16.86
N GLU D 197 -24.65 25.27 15.56
CA GLU D 197 -25.98 25.40 14.95
C GLU D 197 -26.77 24.10 14.98
N PHE D 198 -26.13 22.97 15.23
CA PHE D 198 -26.80 21.68 15.26
C PHE D 198 -27.00 21.16 16.68
N GLN D 199 -26.79 21.99 17.70
CA GLN D 199 -26.96 21.54 19.07
C GLN D 199 -28.39 21.15 19.37
N ASN D 200 -29.36 21.87 18.79
CA ASN D 200 -30.77 21.60 19.05
C ASN D 200 -31.41 20.66 18.03
N ASP D 201 -30.61 19.99 17.21
CA ASP D 201 -31.16 19.03 16.27
C ASP D 201 -31.41 17.69 16.96
N GLU D 202 -32.46 17.00 16.51
CA GLU D 202 -32.84 15.71 17.07
C GLU D 202 -32.38 14.53 16.22
N MET D 203 -31.63 14.79 15.15
CA MET D 203 -31.10 13.71 14.33
C MET D 203 -29.88 13.06 14.95
N TRP D 204 -29.11 13.81 15.73
CA TRP D 204 -27.85 13.34 16.31
C TRP D 204 -28.03 12.61 17.63
N ARG D 205 -29.25 12.55 18.17
CA ARG D 205 -29.49 11.89 19.43
C ARG D 205 -30.20 10.56 19.30
N GLU D 206 -30.89 10.30 18.19
CA GLU D 206 -31.67 9.09 18.01
C GLU D 206 -30.81 8.01 17.37
N GLU D 207 -30.83 6.82 17.95
CA GLU D 207 -30.08 5.69 17.43
C GLU D 207 -30.83 5.03 16.28
N ILE D 208 -30.11 4.24 15.49
CA ILE D 208 -30.68 3.53 14.36
C ILE D 208 -30.98 2.10 14.78
N ALA D 209 -32.09 1.56 14.26
CA ALA D 209 -32.48 0.19 14.61
C ALA D 209 -31.77 -0.85 13.77
N GLY D 210 -31.34 -0.50 12.57
CA GLY D 210 -30.67 -1.45 11.71
C GLY D 210 -30.11 -0.75 10.49
N LEU D 211 -29.30 -1.49 9.73
CA LEU D 211 -28.67 -0.94 8.53
C LEU D 211 -29.54 -1.16 7.30
N THR D 212 -30.78 -0.67 7.40
CA THR D 212 -31.63 -0.62 6.23
C THR D 212 -31.14 0.47 5.27
N ARG D 213 -31.61 0.39 4.02
CA ARG D 213 -31.14 1.34 3.01
C ARG D 213 -31.37 2.80 3.39
N PRO D 214 -32.52 3.21 3.93
CA PRO D 214 -32.62 4.60 4.42
C PRO D 214 -31.58 4.94 5.48
N ASN D 215 -31.29 4.01 6.39
CA ASN D 215 -30.28 4.26 7.42
C ASN D 215 -28.88 4.30 6.81
N GLN D 216 -28.63 3.46 5.80
CA GLN D 216 -27.35 3.53 5.10
C GLN D 216 -27.16 4.89 4.43
N ILE D 217 -28.22 5.41 3.80
CA ILE D 217 -28.14 6.71 3.16
C ILE D 217 -27.96 7.81 4.21
N LEU D 218 -28.63 7.68 5.35
CA LEU D 218 -28.48 8.68 6.40
C LEU D 218 -27.06 8.71 6.95
N LEU D 219 -26.46 7.53 7.16
CA LEU D 219 -25.11 7.50 7.71
C LEU D 219 -24.07 7.92 6.69
N SER D 220 -24.23 7.48 5.44
CA SER D 220 -23.25 7.82 4.40
C SER D 220 -23.28 9.30 4.06
N GLY D 221 -24.46 9.92 4.04
CA GLY D 221 -24.62 11.30 3.66
C GLY D 221 -24.62 12.30 4.79
N ALA D 222 -24.12 11.93 5.98
CA ALA D 222 -24.12 12.85 7.11
C ALA D 222 -22.94 13.81 7.08
N TYR D 223 -22.07 13.74 6.06
CA TYR D 223 -20.93 14.64 5.98
C TYR D 223 -21.26 15.92 5.24
N GLN D 224 -22.29 15.90 4.38
CA GLN D 224 -22.66 17.11 3.65
C GLN D 224 -23.21 18.18 4.58
N ARG D 225 -23.87 17.75 5.66
CA ARG D 225 -24.47 18.70 6.59
C ARG D 225 -23.42 19.52 7.34
N LEU D 226 -22.16 19.07 7.34
CA LEU D 226 -21.12 19.71 8.13
C LEU D 226 -20.01 20.32 7.27
N GLN D 227 -20.30 20.64 6.02
CA GLN D 227 -19.30 21.27 5.17
C GLN D 227 -19.22 22.76 5.50
N GLY D 228 -18.00 23.24 5.76
CA GLY D 228 -17.79 24.62 6.09
C GLY D 228 -18.23 25.03 7.48
N ARG D 229 -18.45 24.07 8.39
CA ARG D 229 -18.91 24.36 9.74
C ARG D 229 -17.90 23.97 10.81
N VAL D 230 -17.08 22.96 10.56
CA VAL D 230 -16.19 22.44 11.60
C VAL D 230 -14.91 23.27 11.65
N GLN D 231 -14.57 23.74 12.84
CA GLN D 231 -13.35 24.51 13.04
C GLN D 231 -12.13 23.59 12.96
N PRO D 232 -10.96 24.13 12.65
CA PRO D 232 -9.78 23.27 12.48
C PRO D 232 -9.27 22.68 13.78
N GLY D 233 -9.93 22.94 14.90
CA GLY D 233 -9.54 22.36 16.17
C GLY D 233 -10.53 21.40 16.77
N GLU D 234 -11.63 21.10 16.06
CA GLU D 234 -12.65 20.18 16.54
C GLU D 234 -12.54 18.81 15.86
N ILE D 235 -11.44 18.55 15.16
CA ILE D 235 -11.21 17.25 14.54
C ILE D 235 -10.67 16.35 15.66
N SER D 236 -11.58 15.65 16.32
CA SER D 236 -11.19 14.86 17.49
C SER D 236 -10.41 13.62 17.10
N LEU D 237 -11.02 12.74 16.30
CA LEU D 237 -10.42 11.45 16.00
C LEU D 237 -10.56 11.14 14.52
N ALA D 238 -9.53 10.52 13.96
CA ALA D 238 -9.57 9.98 12.60
C ALA D 238 -9.18 8.52 12.67
N VAL D 239 -9.99 7.66 12.04
CA VAL D 239 -9.86 6.21 12.16
C VAL D 239 -9.72 5.62 10.77
N ALA D 240 -8.77 4.72 10.60
CA ALA D 240 -8.59 3.97 9.36
C ALA D 240 -8.90 2.50 9.63
N PHE D 241 -9.84 1.95 8.89
CA PHE D 241 -10.27 0.57 9.06
C PHE D 241 -9.56 -0.33 8.05
N LYS D 242 -8.99 -1.43 8.53
CA LYS D 242 -8.34 -2.42 7.69
C LYS D 242 -8.58 -3.78 8.31
N ARG D 243 -9.27 -4.67 7.58
CA ARG D 243 -9.63 -5.96 8.14
C ARG D 243 -8.41 -6.77 8.53
N SER D 244 -7.40 -6.81 7.68
CA SER D 244 -6.15 -7.49 7.97
C SER D 244 -5.00 -6.64 7.48
N LEU D 245 -3.84 -6.82 8.12
CA LEU D 245 -2.65 -6.04 7.82
C LEU D 245 -1.60 -6.91 7.15
N ARG D 246 -0.94 -6.34 6.15
CA ARG D 246 0.22 -6.96 5.51
C ARG D 246 1.44 -6.07 5.75
N SER D 247 2.62 -6.62 5.48
CA SER D 247 3.85 -5.91 5.79
C SER D 247 4.13 -4.76 4.82
N ASP D 248 3.28 -4.56 3.82
CA ASP D 248 3.40 -3.45 2.90
C ASP D 248 2.14 -2.59 2.83
N ARG D 249 0.97 -3.16 3.11
CA ARG D 249 -0.28 -2.42 3.09
C ARG D 249 -0.44 -1.50 4.28
N LEU D 250 0.45 -1.56 5.27
CA LEU D 250 0.36 -0.68 6.43
C LEU D 250 1.03 0.66 6.20
N TYR D 251 1.64 0.88 5.04
CA TYR D 251 2.31 2.14 4.75
C TYR D 251 1.39 3.16 4.11
N GLN D 252 0.16 2.79 3.76
CA GLN D 252 -0.79 3.74 3.21
C GLN D 252 -1.45 4.55 4.32
N PRO D 253 -1.88 3.95 5.44
CA PRO D 253 -2.32 4.78 6.57
C PRO D 253 -1.24 5.70 7.11
N LEU D 254 0.03 5.28 7.05
CA LEU D 254 1.12 6.16 7.48
C LEU D 254 1.18 7.40 6.60
N TYR D 255 1.07 7.23 5.29
CA TYR D 255 1.07 8.39 4.38
C TYR D 255 -0.15 9.28 4.64
N GLU D 256 -1.32 8.66 4.83
CA GLU D 256 -2.52 9.45 5.11
C GLU D 256 -2.34 10.28 6.37
N ALA D 257 -1.82 9.67 7.44
CA ALA D 257 -1.64 10.38 8.69
C ALA D 257 -0.59 11.47 8.56
N ASN D 258 0.50 11.21 7.83
CA ASN D 258 1.52 12.23 7.65
C ASN D 258 0.97 13.44 6.91
N VAL D 259 0.21 13.21 5.84
CA VAL D 259 -0.35 14.34 5.10
C VAL D 259 -1.37 15.09 5.95
N MET D 260 -2.22 14.36 6.68
CA MET D 260 -3.22 15.01 7.51
C MET D 260 -2.56 15.86 8.60
N GLN D 261 -1.50 15.35 9.22
CA GLN D 261 -0.82 16.11 10.27
C GLN D 261 -0.06 17.29 9.69
N LEU D 262 0.52 17.14 8.50
CA LEU D 262 1.16 18.29 7.85
C LEU D 262 0.14 19.39 7.57
N LEU D 263 -1.04 19.01 7.09
CA LEU D 263 -2.07 20.01 6.78
C LEU D 263 -2.65 20.64 8.05
N LEU D 264 -2.82 19.86 9.11
CA LEU D 264 -3.49 20.36 10.31
C LEU D 264 -2.56 20.93 11.36
N GLU D 265 -1.36 20.37 11.53
CA GLU D 265 -0.44 20.84 12.55
C GLU D 265 0.55 21.87 12.05
N GLY D 266 1.09 21.69 10.85
CA GLY D 266 2.10 22.59 10.31
C GLY D 266 1.58 23.72 9.46
N LYS D 267 0.26 23.81 9.26
CA LYS D 267 -0.30 24.88 8.45
C LYS D 267 -1.54 25.53 9.07
N LEU D 268 -2.04 25.01 10.19
CA LEU D 268 -3.21 25.58 10.84
C LEU D 268 -3.07 25.74 12.34
N GLY D 269 -2.00 25.25 12.94
CA GLY D 269 -1.80 25.41 14.37
C GLY D 269 -2.68 24.55 15.25
N ALA D 270 -3.18 23.43 14.74
CA ALA D 270 -3.96 22.52 15.56
C ALA D 270 -3.06 21.84 16.59
N PRO D 271 -3.60 21.54 17.78
CA PRO D 271 -2.78 20.93 18.84
C PRO D 271 -2.16 19.59 18.42
N LYS D 272 -2.99 18.64 18.02
CA LYS D 272 -2.52 17.32 17.61
C LYS D 272 -3.67 16.58 16.95
N VAL D 273 -3.33 15.70 16.00
CA VAL D 273 -4.31 14.88 15.30
C VAL D 273 -4.23 13.47 15.85
N GLU D 274 -5.37 12.93 16.27
CA GLU D 274 -5.44 11.58 16.82
C GLU D 274 -5.81 10.62 15.69
N PHE D 275 -4.81 9.91 15.17
CA PHE D 275 -5.01 8.95 14.10
C PHE D 275 -4.75 7.55 14.63
N GLU D 276 -5.71 6.66 14.46
CA GLU D 276 -5.58 5.29 14.94
C GLU D 276 -6.13 4.33 13.91
N VAL D 277 -5.66 3.09 13.96
CA VAL D 277 -6.00 2.06 12.99
C VAL D 277 -6.73 0.93 13.71
N HIS D 278 -7.81 0.45 13.11
CA HIS D 278 -8.59 -0.66 13.64
C HIS D 278 -8.41 -1.86 12.73
N THR D 279 -7.95 -2.98 13.28
CA THR D 279 -7.71 -4.18 12.50
C THR D 279 -8.32 -5.38 13.20
N LEU D 280 -8.48 -6.46 12.44
CA LEU D 280 -9.03 -7.70 12.98
C LEU D 280 -8.04 -8.85 12.97
N ALA D 281 -6.97 -8.78 12.18
CA ALA D 281 -6.02 -9.88 12.05
C ALA D 281 -4.64 -9.33 11.73
N PRO D 282 -3.97 -8.72 12.70
CA PRO D 282 -2.61 -8.22 12.48
C PRO D 282 -1.52 -9.29 12.55
N GLU D 283 -1.89 -10.56 12.60
CA GLU D 283 -0.90 -11.62 12.73
C GLU D 283 -0.21 -11.89 11.40
N GLY D 284 1.08 -12.16 11.46
CA GLY D 284 1.88 -12.38 10.28
C GLY D 284 2.82 -11.24 9.94
N THR D 285 2.65 -10.08 10.57
CA THR D 285 3.46 -8.90 10.33
C THR D 285 4.01 -8.40 11.67
N ASN D 286 4.71 -7.28 11.61
CA ASN D 286 5.16 -6.57 12.80
C ASN D 286 4.61 -5.15 12.78
N ALA D 287 3.39 -4.98 13.27
CA ALA D 287 2.72 -3.69 13.10
C ALA D 287 2.69 -2.89 14.39
N PHE D 288 2.71 -3.55 15.55
CA PHE D 288 2.72 -2.83 16.80
C PHE D 288 4.03 -2.10 17.03
N VAL D 289 5.06 -2.40 16.25
CA VAL D 289 6.34 -1.70 16.32
C VAL D 289 6.52 -0.75 15.15
N THR D 290 6.14 -1.18 13.94
CA THR D 290 6.25 -0.31 12.77
C THR D 290 5.36 0.92 12.92
N TYR D 291 4.12 0.73 13.38
CA TYR D 291 3.22 1.85 13.59
C TYR D 291 3.68 2.79 14.69
N GLU D 292 4.65 2.36 15.50
CA GLU D 292 5.28 3.22 16.50
C GLU D 292 6.42 3.98 15.80
N ALA D 293 6.00 4.95 14.99
CA ALA D 293 6.89 5.68 14.10
C ALA D 293 6.68 7.18 14.29
N ALA D 294 7.60 7.96 13.72
CA ALA D 294 7.56 9.41 13.82
C ALA D 294 6.98 10.02 12.55
N SER D 295 6.45 11.23 12.69
CA SER D 295 5.84 11.93 11.58
C SER D 295 6.90 12.59 10.72
N LEU D 296 6.81 12.40 9.40
CA LEU D 296 7.74 13.03 8.47
C LEU D 296 7.37 14.50 8.26
N TYR D 297 7.41 15.24 9.36
CA TYR D 297 7.03 16.65 9.37
C TYR D 297 7.69 17.31 10.56
N GLY D 298 8.50 18.33 10.31
CA GLY D 298 9.26 18.97 11.36
C GLY D 298 10.58 18.29 11.69
N LEU D 299 10.92 17.20 11.01
CA LEU D 299 12.18 16.52 11.23
C LEU D 299 13.33 17.08 10.40
N ALA D 300 13.03 17.97 9.45
CA ALA D 300 14.09 18.55 8.62
C ALA D 300 15.01 19.44 9.46
N GLU D 301 14.43 20.22 10.36
CA GLU D 301 15.19 21.11 11.24
C GLU D 301 15.06 20.73 12.71
N GLY D 302 13.96 20.09 13.09
CA GLY D 302 13.77 19.65 14.46
C GLY D 302 13.55 20.78 15.45
N ARG D 303 12.51 21.58 15.24
CA ARG D 303 12.16 22.66 16.16
C ARG D 303 10.99 22.29 17.07
N SER D 304 9.93 21.72 16.49
CA SER D 304 8.77 21.34 17.28
C SER D 304 8.96 19.96 17.91
N ALA D 305 8.11 19.65 18.88
CA ALA D 305 8.17 18.35 19.53
C ALA D 305 7.76 17.24 18.56
N VAL D 306 8.46 16.11 18.66
CA VAL D 306 8.23 14.97 17.79
C VAL D 306 7.25 14.03 18.49
N HIS D 307 6.29 13.50 17.73
CA HIS D 307 5.28 12.61 18.28
C HIS D 307 5.00 11.49 17.28
N ARG D 308 4.17 10.55 17.70
CA ARG D 308 3.83 9.40 16.87
C ARG D 308 2.87 9.80 15.76
N ALA D 309 3.04 9.15 14.61
CA ALA D 309 2.12 9.34 13.49
C ALA D 309 0.78 8.66 13.73
N ILE D 310 0.80 7.42 14.23
CA ILE D 310 -0.40 6.66 14.52
C ILE D 310 -0.54 6.55 16.03
N ARG D 311 -1.69 6.96 16.55
CA ARG D 311 -1.90 6.96 18.00
C ARG D 311 -1.81 5.55 18.58
N GLU D 312 -2.55 4.61 17.99
CA GLU D 312 -2.57 3.24 18.48
C GLU D 312 -3.16 2.34 17.42
N LEU D 313 -2.82 1.06 17.47
CA LEU D 313 -3.41 0.04 16.63
C LEU D 313 -4.30 -0.84 17.52
N TYR D 314 -5.59 -0.92 17.16
CA TYR D 314 -6.59 -1.55 18.01
C TYR D 314 -7.15 -2.79 17.33
N VAL D 315 -7.27 -3.88 18.07
CA VAL D 315 -7.87 -5.12 17.59
C VAL D 315 -9.06 -5.45 18.49
N PRO D 316 -10.28 -5.16 18.05
CA PRO D 316 -11.44 -5.39 18.91
C PRO D 316 -11.87 -6.85 18.88
N PRO D 317 -11.97 -7.50 20.02
CA PRO D 317 -12.45 -8.88 20.06
C PRO D 317 -13.95 -8.99 19.80
N THR D 318 -14.73 -8.10 20.40
CA THR D 318 -16.18 -8.05 20.21
C THR D 318 -16.60 -6.63 19.88
N ALA D 319 -17.88 -6.47 19.53
CA ALA D 319 -18.41 -5.14 19.26
C ALA D 319 -18.65 -4.36 20.55
N ALA D 320 -18.97 -5.06 21.65
CA ALA D 320 -19.15 -4.39 22.92
C ALA D 320 -17.84 -3.75 23.39
N ASP D 321 -16.71 -4.41 23.13
CA ASP D 321 -15.43 -3.81 23.49
C ASP D 321 -15.17 -2.54 22.68
N LEU D 322 -15.53 -2.55 21.40
CA LEU D 322 -15.40 -1.34 20.59
C LEU D 322 -16.27 -0.21 21.14
N ALA D 323 -17.51 -0.52 21.52
CA ALA D 323 -18.38 0.50 22.09
C ALA D 323 -17.80 1.05 23.39
N ARG D 324 -17.27 0.17 24.24
CA ARG D 324 -16.68 0.61 25.51
C ARG D 324 -15.45 1.47 25.27
N ARG D 325 -14.61 1.10 24.30
CA ARG D 325 -13.45 1.91 23.95
C ARG D 325 -13.85 3.30 23.48
N PHE D 326 -14.88 3.37 22.61
CA PHE D 326 -15.31 4.66 22.12
C PHE D 326 -15.89 5.52 23.26
N PHE D 327 -16.66 4.91 24.16
CA PHE D 327 -17.20 5.65 25.29
C PHE D 327 -16.08 6.19 26.18
N ALA D 328 -15.07 5.35 26.45
CA ALA D 328 -13.94 5.80 27.27
C ALA D 328 -13.18 6.93 26.59
N PHE D 329 -12.97 6.81 25.27
CA PHE D 329 -12.30 7.88 24.54
C PHE D 329 -13.08 9.18 24.61
N LEU D 330 -14.39 9.12 24.43
CA LEU D 330 -15.20 10.33 24.52
C LEU D 330 -15.09 10.96 25.90
N ASN D 331 -15.22 10.14 26.95
CA ASN D 331 -15.15 10.64 28.31
C ASN D 331 -13.80 11.29 28.59
N GLU D 332 -12.72 10.70 28.09
CA GLU D 332 -11.39 11.25 28.35
C GLU D 332 -11.14 12.51 27.55
N ARG D 333 -11.61 12.56 26.30
CA ARG D 333 -11.24 13.65 25.40
C ARG D 333 -12.11 14.88 25.61
N MET D 334 -13.43 14.70 25.66
CA MET D 334 -14.31 15.86 25.77
C MET D 334 -14.24 16.53 27.14
N GLU D 335 -13.53 15.94 28.10
CA GLU D 335 -13.29 16.61 29.37
C GLU D 335 -12.52 17.91 29.18
N LEU D 336 -11.67 17.97 28.15
CA LEU D 336 -10.85 19.14 27.88
C LEU D 336 -11.55 20.15 26.98
N VAL D 337 -12.88 20.14 26.93
CA VAL D 337 -13.66 21.12 26.18
C VAL D 337 -14.36 22.01 27.18
N ASN D 338 -14.07 23.31 27.13
CA ASN D 338 -14.65 24.25 28.08
C ASN D 338 -16.16 24.35 27.89
N GLY D 339 -16.87 24.52 28.99
CA GLY D 339 -18.31 24.63 28.96
C GLY D 339 -19.01 23.62 29.84
#